data_3QIW
#
_entry.id   3QIW
#
_cell.length_a   72.179
_cell.length_b   71.624
_cell.length_c   105.659
_cell.angle_alpha   90.00
_cell.angle_beta   90.27
_cell.angle_gamma   90.00
#
_symmetry.space_group_name_H-M   'P 1 21 1'
#
loop_
_entity.id
_entity.type
_entity.pdbx_description
1 polymer 'H-2 CLASS II HISTOCOMPATIBILITY ANTIGEN, E-K alpha chain'
2 polymer 'MHC CLASS II H2-IA-BETA CHAIN'
3 polymer 'TCR 226 alpha chain'
4 polymer 'TCR 226 beta chain'
5 polymer 'MCC-p5E peptide'
6 non-polymer 2-acetamido-2-deoxy-beta-D-glucopyranose
#
loop_
_entity_poly.entity_id
_entity_poly.type
_entity_poly.pdbx_seq_one_letter_code
_entity_poly.pdbx_strand_id
1 'polypeptide(L)'
;IKEEHTIIQAEFYLLPDKRGEFMFDFDGDEIFHVDIEKSETIWRLEEFAKFASFEAQGALANIAVDKANLDVMKERSNNT
PDANVAPEVTVLSRSPVNLGEPNILICFIDKFSPPVVNVTWLRNGRPVTEGVSETVFLPRDDHLFRKFHYLTFLPSTDDF
YDCEVDHWGLEEPLRKHWEFEEKTLLPETKEN
;
A
2 'polypeptide(L)'
;SRPWFLEYCKSECHFYNGTQRVRLLVRYFYNLEENLRFDSDVGEFRAVTELGRPDAENWNSQPEFLEQKRAEVDTVCRHN
YEIFDNFLVPRRVEPTVTVYPTKTQPLEHHNLLVCSVSDFYPGNIEVRWFRNGKEEKTGIVSTGLVRNGDWTFQTLVMLE
TVPQSGEVYTCQVEHPSLTDPVTVEWKAQSTSAQNK
;
B
3 'polypeptide(L)'
;MRGDQVEQSPSALSLHEGTGSALRCNFTTTMRAVQWFRKNSRGSLINLFYLASGTKENGRLKSAFDSKERYSTLHIRDAQ
LEDSGTYFCAAEPSSGQKLVFGQGTILKVYLHIQNPDPAVYQLRDSKSSDKSVCLFTDFDSQTNVSQSKDSDVYITDKCV
LDMRSMDFKSNSAVAWSNKSDFACANAFNNSIIPEDTFFPSPESS
;
C
4 'polypeptide(L)'
;MKVIQTPRYLVKGQGQKAKMRCIPEKGHPVVFWYQQNKNNEFKFLINFQNQEVLQQIDMTEKRFSAECPSNSPCSLEIQS
SEAGDSALYLCASSLNNANSDYTFGSGTRLLVIEDLKNVFPPEVAVFEPSEAEISHTQKATLVCLATGFYPDHVELSWWV
NGKEVHSGVCTDPQPLKEQPALNDSRYALSSRLRVSATFWQNPRNHFRCQVQFYGLSENDEWTQDRAKPVTQIVSAEAWG
RAD
;
D
5 'polypeptide(L)' ADLIAYLEQATKG E
#
# COMPACT_ATOMS: atom_id res chain seq x y z
N GLU A 3 9.22 32.93 -2.42
CA GLU A 3 9.66 31.57 -2.70
C GLU A 3 8.74 30.86 -3.68
N GLU A 4 9.07 30.98 -4.97
CA GLU A 4 8.28 30.33 -6.02
C GLU A 4 9.09 29.18 -6.63
N HIS A 5 8.63 27.95 -6.44
CA HIS A 5 9.36 26.79 -6.93
C HIS A 5 8.49 25.74 -7.60
N THR A 6 9.13 24.69 -8.10
CA THR A 6 8.41 23.63 -8.79
C THR A 6 9.12 22.29 -8.73
N ILE A 7 8.51 21.36 -8.01
CA ILE A 7 8.99 20.00 -7.95
C ILE A 7 8.26 19.13 -8.95
N ILE A 8 8.97 18.25 -9.63
CA ILE A 8 8.36 17.42 -10.66
C ILE A 8 8.77 15.96 -10.53
N GLN A 9 7.80 15.09 -10.30
CA GLN A 9 8.02 13.65 -10.36
C GLN A 9 7.84 13.18 -11.80
N ALA A 10 8.94 12.94 -12.49
CA ALA A 10 8.88 12.46 -13.87
C ALA A 10 9.13 10.97 -13.97
N GLU A 11 8.25 10.28 -14.68
CA GLU A 11 8.38 8.86 -14.93
C GLU A 11 7.83 8.51 -16.29
N PHE A 12 8.29 7.42 -16.88
CA PHE A 12 7.77 6.97 -18.16
C PHE A 12 8.17 5.54 -18.51
N TYR A 13 7.53 5.00 -19.55
CA TYR A 13 7.95 3.73 -20.12
C TYR A 13 7.91 3.81 -21.64
N LEU A 14 8.96 3.30 -22.29
CA LEU A 14 9.11 3.43 -23.73
C LEU A 14 9.23 2.09 -24.44
N LEU A 15 8.50 1.96 -25.54
CA LEU A 15 8.58 0.78 -26.39
C LEU A 15 8.99 1.21 -27.79
N PRO A 16 9.61 0.29 -28.54
CA PRO A 16 9.84 -1.10 -28.15
C PRO A 16 11.14 -1.30 -27.37
N ASP A 17 11.82 -0.21 -27.02
CA ASP A 17 13.11 -0.29 -26.36
C ASP A 17 13.02 -0.94 -24.99
N LYS A 18 11.82 -0.98 -24.43
CA LYS A 18 11.60 -1.58 -23.12
C LYS A 18 12.50 -0.93 -22.06
N ARG A 19 12.39 0.40 -21.95
CA ARG A 19 13.17 1.15 -20.99
C ARG A 19 12.28 2.17 -20.27
N GLY A 20 12.41 2.24 -18.95
CA GLY A 20 11.65 3.18 -18.15
C GLY A 20 12.54 4.09 -17.32
N GLU A 21 11.95 5.08 -16.66
CA GLU A 21 12.71 6.03 -15.85
C GLU A 21 11.88 6.66 -14.72
N PHE A 22 12.53 6.91 -13.59
CA PHE A 22 11.88 7.59 -12.46
C PHE A 22 12.86 8.57 -11.82
N MET A 23 12.56 9.87 -11.94
CA MET A 23 13.43 10.89 -11.41
C MET A 23 12.65 12.09 -10.88
N PHE A 24 13.23 12.79 -9.91
CA PHE A 24 12.62 13.98 -9.36
C PHE A 24 13.35 15.23 -9.82
N ASP A 25 12.61 16.33 -9.92
CA ASP A 25 13.14 17.53 -10.54
C ASP A 25 12.77 18.76 -9.75
N PHE A 26 13.78 19.56 -9.42
CA PHE A 26 13.56 20.78 -8.64
C PHE A 26 14.03 22.02 -9.40
N ASP A 27 13.08 22.86 -9.77
CA ASP A 27 13.37 24.10 -10.47
C ASP A 27 14.24 23.86 -11.71
N GLY A 28 14.12 22.67 -12.28
CA GLY A 28 14.81 22.37 -13.52
C GLY A 28 16.05 21.51 -13.36
N ASP A 29 16.41 21.21 -12.11
CA ASP A 29 17.58 20.38 -11.87
C ASP A 29 17.21 19.07 -11.18
N GLU A 30 17.87 18.00 -11.60
CA GLU A 30 17.60 16.68 -11.06
C GLU A 30 17.97 16.57 -9.57
N ILE A 31 17.02 16.09 -8.77
CA ILE A 31 17.29 15.81 -7.37
C ILE A 31 17.87 14.40 -7.26
N PHE A 32 17.24 13.47 -7.95
CA PHE A 32 17.70 12.09 -8.00
C PHE A 32 16.89 11.32 -9.01
N HIS A 33 17.26 10.06 -9.22
CA HIS A 33 16.45 9.15 -10.01
C HIS A 33 16.67 7.75 -9.46
N VAL A 34 16.00 6.76 -10.04
CA VAL A 34 16.16 5.40 -9.57
C VAL A 34 16.69 4.47 -10.66
N ASP A 35 17.79 3.79 -10.39
CA ASP A 35 18.32 2.87 -11.35
C ASP A 35 17.53 1.61 -11.17
N ILE A 36 16.66 1.33 -12.13
CA ILE A 36 15.77 0.21 -12.01
C ILE A 36 16.51 -1.10 -11.96
N GLU A 37 17.55 -1.23 -12.76
CA GLU A 37 18.25 -2.49 -12.83
C GLU A 37 18.83 -2.86 -11.48
N LYS A 38 19.46 -1.90 -10.82
CA LYS A 38 20.04 -2.17 -9.52
C LYS A 38 19.04 -1.85 -8.42
N SER A 39 17.92 -1.26 -8.82
CA SER A 39 16.88 -0.89 -7.88
C SER A 39 17.42 -0.12 -6.67
N GLU A 40 17.92 1.09 -6.91
CA GLU A 40 18.41 1.93 -5.83
C GLU A 40 18.39 3.41 -6.21
N THR A 41 18.31 4.26 -5.19
CA THR A 41 18.25 5.69 -5.41
C THR A 41 19.62 6.26 -5.78
N ILE A 42 19.66 7.07 -6.84
CA ILE A 42 20.89 7.70 -7.27
C ILE A 42 20.77 9.23 -7.21
N TRP A 43 21.39 9.81 -6.19
CA TRP A 43 21.33 11.25 -5.99
C TRP A 43 22.17 12.00 -7.01
N ARG A 44 21.61 13.05 -7.58
CA ARG A 44 22.33 13.87 -8.54
C ARG A 44 23.64 14.37 -7.94
N LEU A 45 23.56 14.93 -6.73
CA LEU A 45 24.75 15.33 -5.98
C LEU A 45 24.89 14.48 -4.72
N GLU A 46 26.12 14.09 -4.39
CA GLU A 46 26.38 13.20 -3.27
C GLU A 46 25.98 13.76 -1.91
N GLU A 47 26.05 15.08 -1.77
CA GLU A 47 25.72 15.73 -0.51
C GLU A 47 24.23 15.64 -0.17
N PHE A 48 23.42 15.25 -1.15
CA PHE A 48 21.98 15.17 -0.94
C PHE A 48 21.61 14.01 -0.02
N ALA A 49 22.30 12.89 -0.16
CA ALA A 49 21.99 11.67 0.59
C ALA A 49 21.77 11.90 2.09
N LYS A 50 22.44 12.93 2.63
CA LYS A 50 22.38 13.20 4.06
C LYS A 50 21.06 13.82 4.47
N PHE A 51 20.43 14.53 3.54
CA PHE A 51 19.24 15.32 3.85
C PHE A 51 17.93 14.63 3.52
N ALA A 52 18.01 13.49 2.83
CA ALA A 52 16.79 12.80 2.44
C ALA A 52 17.02 11.34 2.11
N SER A 53 15.92 10.64 1.84
CA SER A 53 15.95 9.24 1.42
C SER A 53 14.72 8.94 0.59
N PHE A 54 14.83 7.95 -0.29
CA PHE A 54 13.70 7.52 -1.11
C PHE A 54 13.72 6.02 -1.34
N GLU A 55 12.63 5.34 -0.99
CA GLU A 55 12.49 3.91 -1.23
C GLU A 55 12.36 3.61 -2.72
N ALA A 56 13.41 3.05 -3.32
CA ALA A 56 13.44 2.77 -4.75
C ALA A 56 12.33 1.82 -5.19
N GLN A 57 11.85 0.97 -4.27
CA GLN A 57 10.83 0.00 -4.59
C GLN A 57 9.60 0.66 -5.20
N GLY A 58 9.22 1.80 -4.64
CA GLY A 58 8.07 2.54 -5.13
C GLY A 58 8.24 2.98 -6.57
N ALA A 59 9.47 3.31 -6.93
CA ALA A 59 9.76 3.71 -8.30
C ALA A 59 9.51 2.55 -9.26
N LEU A 60 10.09 1.39 -8.96
CA LEU A 60 9.90 0.22 -9.80
C LEU A 60 8.42 -0.14 -9.90
N ALA A 61 7.71 -0.02 -8.79
CA ALA A 61 6.28 -0.25 -8.74
C ALA A 61 5.57 0.63 -9.75
N ASN A 62 5.82 1.94 -9.68
CA ASN A 62 5.22 2.86 -10.62
C ASN A 62 5.51 2.47 -12.06
N ILE A 63 6.78 2.18 -12.35
CA ILE A 63 7.19 1.77 -13.68
C ILE A 63 6.34 0.62 -14.21
N ALA A 64 6.25 -0.45 -13.45
CA ALA A 64 5.41 -1.60 -13.82
C ALA A 64 4.02 -1.16 -14.25
N VAL A 65 3.43 -0.23 -13.51
CA VAL A 65 2.12 0.29 -13.82
C VAL A 65 2.19 1.09 -15.12
N ASP A 66 3.29 1.83 -15.29
CA ASP A 66 3.51 2.58 -16.51
C ASP A 66 3.53 1.65 -17.72
N LYS A 67 4.34 0.60 -17.62
CA LYS A 67 4.39 -0.43 -18.66
C LYS A 67 2.98 -0.90 -18.98
N ALA A 68 2.24 -1.26 -17.95
CA ALA A 68 0.85 -1.64 -18.08
C ALA A 68 0.10 -0.61 -18.91
N ASN A 69 -0.08 0.59 -18.35
CA ASN A 69 -0.79 1.67 -19.02
C ASN A 69 -0.38 1.86 -20.47
N LEU A 70 0.92 1.66 -20.75
CA LEU A 70 1.41 1.87 -22.11
C LEU A 70 0.71 0.96 -23.09
N ASP A 71 0.57 -0.32 -22.72
CA ASP A 71 -0.15 -1.28 -23.53
C ASP A 71 -1.60 -0.84 -23.72
N VAL A 72 -2.16 -0.24 -22.68
CA VAL A 72 -3.52 0.29 -22.76
C VAL A 72 -3.61 1.42 -23.76
N MET A 73 -2.61 2.29 -23.75
CA MET A 73 -2.59 3.44 -24.63
C MET A 73 -2.31 3.06 -26.09
N LYS A 74 -1.57 1.97 -26.29
CA LYS A 74 -1.27 1.50 -27.64
C LYS A 74 -2.53 0.97 -28.30
N GLU A 75 -3.30 0.19 -27.54
CA GLU A 75 -4.51 -0.42 -28.06
C GLU A 75 -5.62 0.62 -28.27
N ARG A 76 -5.58 1.69 -27.49
CA ARG A 76 -6.57 2.75 -27.59
C ARG A 76 -6.37 3.61 -28.83
N SER A 77 -5.14 3.70 -29.31
CA SER A 77 -4.83 4.53 -30.47
C SER A 77 -4.51 3.68 -31.70
N ASN A 78 -4.97 2.43 -31.70
CA ASN A 78 -4.72 1.51 -32.81
C ASN A 78 -3.24 1.38 -33.09
N ASN A 79 -2.42 1.65 -32.08
CA ASN A 79 -0.97 1.60 -32.21
C ASN A 79 -0.44 2.70 -33.11
N THR A 80 -1.28 3.71 -33.39
CA THR A 80 -0.91 4.79 -34.29
C THR A 80 0.43 5.44 -33.92
N PRO A 81 1.46 5.16 -34.73
CA PRO A 81 2.80 5.70 -34.50
C PRO A 81 2.83 7.20 -34.62
N ASP A 82 3.97 7.80 -34.28
CA ASP A 82 4.12 9.24 -34.34
C ASP A 82 5.52 9.60 -34.81
N ALA A 83 5.67 10.79 -35.39
CA ALA A 83 6.96 11.23 -35.90
C ALA A 83 7.96 11.40 -34.76
N ASN A 84 9.24 11.23 -35.05
CA ASN A 84 10.28 11.47 -34.04
C ASN A 84 10.75 12.91 -34.05
N VAL A 85 11.23 13.39 -32.91
CA VAL A 85 11.72 14.75 -32.80
C VAL A 85 13.23 14.81 -32.58
N ALA A 86 13.95 15.36 -33.56
CA ALA A 86 15.40 15.44 -33.53
C ALA A 86 15.89 16.45 -32.50
N PRO A 87 16.95 16.08 -31.77
CA PRO A 87 17.51 16.90 -30.69
C PRO A 87 18.35 18.04 -31.22
N GLU A 88 18.59 19.05 -30.39
CA GLU A 88 19.51 20.11 -30.73
C GLU A 88 20.74 20.01 -29.84
N VAL A 89 21.87 19.66 -30.45
CA VAL A 89 23.08 19.42 -29.70
C VAL A 89 23.95 20.68 -29.63
N THR A 90 24.56 20.90 -28.48
CA THR A 90 25.42 22.05 -28.27
C THR A 90 26.60 21.65 -27.42
N VAL A 91 27.76 22.20 -27.71
CA VAL A 91 28.94 21.91 -26.89
C VAL A 91 29.55 23.19 -26.32
N LEU A 92 30.02 23.10 -25.09
CA LEU A 92 30.66 24.22 -24.44
C LEU A 92 31.31 23.81 -23.12
N SER A 93 32.39 24.50 -22.77
CA SER A 93 33.10 24.22 -21.53
C SER A 93 32.26 24.66 -20.34
N ARG A 94 32.61 24.15 -19.16
CA ARG A 94 31.89 24.47 -17.94
C ARG A 94 32.40 25.80 -17.39
N SER A 95 33.70 26.02 -17.54
CA SER A 95 34.33 27.25 -17.09
C SER A 95 35.15 27.79 -18.26
N PRO A 96 35.76 28.96 -18.08
CA PRO A 96 36.70 29.49 -19.08
C PRO A 96 37.87 28.52 -19.28
N VAL A 97 38.33 28.38 -20.50
CA VAL A 97 39.34 27.37 -20.83
C VAL A 97 40.77 27.88 -20.79
N ASN A 98 41.58 27.30 -19.91
CA ASN A 98 43.00 27.65 -19.81
C ASN A 98 43.91 26.46 -20.11
N LEU A 99 44.81 26.63 -21.07
CA LEU A 99 45.76 25.59 -21.45
C LEU A 99 46.45 24.97 -20.24
N GLY A 100 46.36 23.65 -20.11
CA GLY A 100 47.01 22.93 -19.03
C GLY A 100 46.17 22.96 -17.76
N GLU A 101 45.10 23.73 -17.79
CA GLU A 101 44.21 23.84 -16.64
C GLU A 101 42.97 22.97 -16.84
N PRO A 102 42.90 21.85 -16.10
CA PRO A 102 41.81 20.88 -16.26
C PRO A 102 40.46 21.57 -16.41
N ASN A 103 39.59 21.00 -17.24
CA ASN A 103 38.28 21.58 -17.46
C ASN A 103 37.26 20.50 -17.78
N ILE A 104 36.03 20.92 -18.09
CA ILE A 104 34.97 19.98 -18.44
C ILE A 104 34.18 20.44 -19.66
N LEU A 105 34.03 19.54 -20.63
CA LEU A 105 33.22 19.80 -21.80
C LEU A 105 31.81 19.30 -21.55
N ILE A 106 30.84 20.14 -21.90
CA ILE A 106 29.45 19.79 -21.69
C ILE A 106 28.69 19.66 -22.99
N CYS A 107 28.23 18.44 -23.29
CA CYS A 107 27.40 18.23 -24.46
C CYS A 107 25.92 18.23 -24.10
N PHE A 108 25.18 19.18 -24.65
CA PHE A 108 23.79 19.40 -24.27
C PHE A 108 22.78 19.02 -25.36
N ILE A 109 22.12 17.89 -25.16
CA ILE A 109 21.08 17.40 -26.07
C ILE A 109 19.72 17.85 -25.58
N ASP A 110 18.97 18.53 -26.43
CA ASP A 110 17.73 19.16 -26.00
C ASP A 110 16.57 18.98 -26.98
N LYS A 111 15.38 19.34 -26.51
CA LYS A 111 14.16 19.38 -27.33
C LYS A 111 14.00 18.16 -28.24
N PHE A 112 14.05 16.97 -27.65
CA PHE A 112 13.94 15.75 -28.42
C PHE A 112 13.04 14.70 -27.75
N SER A 113 12.53 13.79 -28.58
CA SER A 113 11.73 12.65 -28.12
C SER A 113 11.59 11.69 -29.30
N PRO A 114 11.55 10.38 -29.03
CA PRO A 114 11.49 9.72 -27.73
C PRO A 114 12.78 9.85 -26.91
N PRO A 115 12.71 9.52 -25.62
CA PRO A 115 13.84 9.60 -24.70
C PRO A 115 14.79 8.41 -24.87
N VAL A 116 15.46 8.33 -26.01
CA VAL A 116 16.47 7.30 -26.23
C VAL A 116 17.46 7.69 -27.32
N VAL A 117 18.72 7.84 -26.94
CA VAL A 117 19.78 8.27 -27.86
C VAL A 117 21.11 7.60 -27.53
N ASN A 118 22.04 7.65 -28.48
CA ASN A 118 23.40 7.19 -28.22
C ASN A 118 24.38 8.34 -28.40
N VAL A 119 25.14 8.64 -27.35
CA VAL A 119 26.08 9.74 -27.40
C VAL A 119 27.52 9.26 -27.32
N THR A 120 28.38 9.82 -28.18
CA THR A 120 29.78 9.42 -28.22
C THR A 120 30.70 10.63 -28.18
N TRP A 121 31.52 10.71 -27.14
CA TRP A 121 32.56 11.72 -27.07
C TRP A 121 33.73 11.32 -27.96
N LEU A 122 34.31 12.28 -28.65
CA LEU A 122 35.42 12.00 -29.56
C LEU A 122 36.57 12.98 -29.37
N ARG A 123 37.70 12.46 -28.90
CA ARG A 123 38.92 13.26 -28.84
C ARG A 123 39.82 12.94 -30.04
N ASN A 124 39.94 13.89 -30.96
CA ASN A 124 40.78 13.68 -32.13
C ASN A 124 40.26 12.55 -33.00
N GLY A 125 38.94 12.36 -33.01
CA GLY A 125 38.32 11.36 -33.85
C GLY A 125 38.18 9.98 -33.22
N ARG A 126 38.62 9.85 -31.98
CA ARG A 126 38.55 8.57 -31.27
C ARG A 126 37.63 8.68 -30.05
N PRO A 127 36.75 7.69 -29.88
CA PRO A 127 35.79 7.62 -28.76
C PRO A 127 36.50 7.61 -27.41
N VAL A 128 35.93 8.32 -26.44
CA VAL A 128 36.50 8.42 -25.11
C VAL A 128 35.62 7.72 -24.09
N THR A 129 36.23 6.82 -23.33
CA THR A 129 35.49 6.05 -22.33
C THR A 129 36.03 6.36 -20.94
N GLU A 130 36.91 7.35 -20.85
CA GLU A 130 37.48 7.76 -19.58
C GLU A 130 37.12 9.21 -19.28
N GLY A 131 36.67 9.47 -18.05
CA GLY A 131 36.28 10.80 -17.65
C GLY A 131 35.03 11.25 -18.38
N VAL A 132 34.13 10.31 -18.60
CA VAL A 132 32.87 10.60 -19.28
C VAL A 132 31.70 10.34 -18.33
N SER A 133 30.83 11.33 -18.20
CA SER A 133 29.63 11.22 -17.37
C SER A 133 28.41 11.52 -18.22
N GLU A 134 27.24 11.21 -17.70
CA GLU A 134 26.00 11.57 -18.39
C GLU A 134 24.87 11.69 -17.39
N THR A 135 23.78 12.31 -17.82
CA THR A 135 22.61 12.46 -16.99
C THR A 135 21.45 11.71 -17.64
N VAL A 136 20.49 11.27 -16.84
CA VAL A 136 19.29 10.65 -17.38
C VAL A 136 18.48 11.68 -18.14
N PHE A 137 17.46 11.22 -18.86
CA PHE A 137 16.65 12.12 -19.66
C PHE A 137 15.85 13.03 -18.75
N LEU A 138 16.13 14.33 -18.83
CA LEU A 138 15.47 15.29 -17.98
C LEU A 138 14.23 15.87 -18.65
N PRO A 139 13.23 16.24 -17.84
CA PRO A 139 11.97 16.77 -18.34
C PRO A 139 12.03 18.27 -18.60
N ARG A 140 11.31 18.72 -19.63
CA ARG A 140 11.20 20.14 -19.93
C ARG A 140 9.77 20.56 -19.71
N ASP A 141 9.53 21.87 -19.69
CA ASP A 141 8.16 22.37 -19.55
C ASP A 141 7.21 21.61 -20.47
N ASP A 142 7.66 21.46 -21.71
CA ASP A 142 6.93 20.78 -22.76
C ASP A 142 7.11 19.28 -22.71
N HIS A 143 6.63 18.62 -23.75
CA HIS A 143 6.60 17.16 -23.84
C HIS A 143 7.95 16.58 -24.29
N LEU A 144 8.94 17.45 -24.50
CA LEU A 144 10.22 16.99 -25.00
C LEU A 144 11.24 16.77 -23.89
N PHE A 145 12.36 16.15 -24.23
CA PHE A 145 13.36 15.78 -23.24
C PHE A 145 14.65 16.55 -23.35
N ARG A 146 15.54 16.29 -22.41
CA ARG A 146 16.74 17.07 -22.22
C ARG A 146 17.78 16.14 -21.62
N LYS A 147 19.05 16.36 -21.94
CA LYS A 147 20.08 15.47 -21.44
C LYS A 147 21.47 16.11 -21.52
N PHE A 148 22.33 15.76 -20.58
CA PHE A 148 23.68 16.30 -20.51
C PHE A 148 24.72 15.19 -20.58
N HIS A 149 25.85 15.50 -21.21
CA HIS A 149 26.99 14.61 -21.19
C HIS A 149 28.23 15.43 -20.87
N TYR A 150 29.13 14.84 -20.07
CA TYR A 150 30.27 15.58 -19.56
C TYR A 150 31.58 14.91 -19.94
N LEU A 151 32.61 15.72 -20.17
CA LEU A 151 33.92 15.23 -20.55
C LEU A 151 35.02 15.94 -19.77
N THR A 152 35.79 15.16 -19.01
CA THR A 152 36.95 15.67 -18.30
C THR A 152 38.13 15.76 -19.26
N PHE A 153 38.81 16.91 -19.29
CA PHE A 153 39.92 17.09 -20.23
C PHE A 153 40.92 18.16 -19.80
N LEU A 154 42.15 18.03 -20.28
CA LEU A 154 43.18 19.05 -20.11
C LEU A 154 43.34 19.84 -21.41
N PRO A 155 42.96 21.13 -21.38
CA PRO A 155 42.97 22.00 -22.55
C PRO A 155 44.33 22.08 -23.21
N SER A 156 44.42 21.66 -24.48
CA SER A 156 45.64 21.80 -25.24
C SER A 156 45.28 22.22 -26.67
N THR A 157 46.26 22.77 -27.37
CA THR A 157 46.02 23.27 -28.73
C THR A 157 46.04 22.14 -29.75
N ASP A 158 46.51 20.97 -29.33
CA ASP A 158 46.65 19.83 -30.24
C ASP A 158 45.39 18.98 -30.34
N ASP A 159 44.63 18.91 -29.24
CA ASP A 159 43.44 18.10 -29.20
C ASP A 159 42.21 18.84 -29.70
N PHE A 160 41.35 18.15 -30.45
CA PHE A 160 40.07 18.69 -30.88
C PHE A 160 38.97 17.66 -30.57
N TYR A 161 37.82 18.15 -30.10
CA TYR A 161 36.76 17.27 -29.63
C TYR A 161 35.47 17.32 -30.44
N ASP A 162 34.73 16.21 -30.41
CA ASP A 162 33.45 16.11 -31.09
C ASP A 162 32.45 15.35 -30.25
N CYS A 163 31.22 15.87 -30.19
CA CYS A 163 30.13 15.19 -29.52
C CYS A 163 29.19 14.58 -30.55
N GLU A 164 29.15 13.26 -30.61
CA GLU A 164 28.34 12.59 -31.63
C GLU A 164 27.05 12.03 -31.04
N VAL A 165 25.92 12.53 -31.54
CA VAL A 165 24.61 12.15 -31.02
C VAL A 165 23.75 11.45 -32.06
N ASP A 166 23.33 10.23 -31.75
CA ASP A 166 22.50 9.44 -32.66
C ASP A 166 21.08 9.29 -32.11
N HIS A 167 20.09 9.60 -32.94
CA HIS A 167 18.69 9.56 -32.55
C HIS A 167 17.82 9.19 -33.75
N TRP A 168 16.64 8.62 -33.50
CA TRP A 168 15.77 8.17 -34.59
C TRP A 168 15.06 9.30 -35.32
N GLY A 169 15.33 10.54 -34.91
CA GLY A 169 14.75 11.69 -35.59
C GLY A 169 15.72 12.28 -36.60
N LEU A 170 16.97 11.83 -36.56
CA LEU A 170 18.01 12.33 -37.44
C LEU A 170 18.21 11.42 -38.65
N GLU A 171 18.72 11.99 -39.74
CA GLU A 171 19.08 11.21 -40.93
C GLU A 171 20.40 10.49 -40.72
N GLU A 172 21.33 11.17 -40.06
CA GLU A 172 22.62 10.60 -39.71
C GLU A 172 23.09 11.17 -38.37
N PRO A 173 23.95 10.42 -37.67
CA PRO A 173 24.51 10.86 -36.39
C PRO A 173 24.98 12.31 -36.48
N LEU A 174 24.62 13.10 -35.47
CA LEU A 174 24.98 14.50 -35.42
C LEU A 174 26.31 14.65 -34.68
N ARG A 175 27.13 15.61 -35.11
CA ARG A 175 28.46 15.81 -34.53
C ARG A 175 28.79 17.29 -34.34
N LYS A 176 28.76 17.74 -33.09
CA LYS A 176 29.15 19.11 -32.77
C LYS A 176 30.61 19.17 -32.35
N HIS A 177 31.35 20.13 -32.89
CA HIS A 177 32.80 20.19 -32.72
C HIS A 177 33.21 21.19 -31.65
N TRP A 178 34.46 21.09 -31.20
CA TRP A 178 35.00 22.02 -30.21
C TRP A 178 36.52 21.99 -30.20
N GLU A 179 37.13 23.16 -30.32
CA GLU A 179 38.59 23.30 -30.22
C GLU A 179 38.93 24.43 -29.26
N PHE A 180 40.19 24.46 -28.82
CA PHE A 180 40.64 25.54 -27.95
C PHE A 180 40.80 26.83 -28.73
N GLU A 181 40.88 26.72 -30.05
CA GLU A 181 41.01 27.89 -30.91
C GLU A 181 39.87 28.87 -30.70
N SER B 1 9.41 7.37 -40.17
CA SER B 1 10.57 6.58 -39.74
C SER B 1 10.15 5.44 -38.81
N ARG B 2 10.96 5.20 -37.78
CA ARG B 2 10.71 4.11 -36.85
C ARG B 2 9.65 4.46 -35.82
N PRO B 3 8.68 3.56 -35.64
CA PRO B 3 7.57 3.76 -34.70
C PRO B 3 8.04 3.66 -33.26
N TRP B 4 7.39 4.44 -32.39
CA TRP B 4 7.72 4.44 -30.98
C TRP B 4 6.47 4.72 -30.15
N PHE B 5 6.44 4.15 -28.95
CA PHE B 5 5.30 4.29 -28.05
C PHE B 5 5.79 4.67 -26.67
N LEU B 6 5.40 5.86 -26.21
CA LEU B 6 5.88 6.39 -24.93
C LEU B 6 4.73 6.70 -23.97
N GLU B 7 4.79 6.12 -22.78
CA GLU B 7 3.86 6.48 -21.71
C GLU B 7 4.59 7.39 -20.72
N TYR B 8 4.27 8.68 -20.75
CA TYR B 8 5.02 9.68 -20.00
C TYR B 8 4.12 10.44 -19.03
N CYS B 9 4.55 10.51 -17.77
CA CYS B 9 3.76 11.16 -16.72
C CYS B 9 4.59 12.10 -15.86
N LYS B 10 4.14 13.34 -15.75
CA LYS B 10 4.79 14.33 -14.91
C LYS B 10 3.87 14.78 -13.78
N SER B 11 4.27 14.51 -12.54
CA SER B 11 3.49 14.95 -11.38
C SER B 11 4.13 16.21 -10.79
N GLU B 12 3.49 17.36 -11.01
CA GLU B 12 4.09 18.64 -10.70
C GLU B 12 3.54 19.28 -9.42
N CYS B 13 4.44 19.59 -8.50
CA CYS B 13 4.10 20.33 -7.29
C CYS B 13 4.53 21.78 -7.45
N HIS B 14 3.57 22.69 -7.45
CA HIS B 14 3.88 24.11 -7.60
C HIS B 14 3.74 24.88 -6.29
N PHE B 15 4.75 25.66 -5.98
CA PHE B 15 4.75 26.48 -4.78
C PHE B 15 4.87 27.95 -5.17
N TYR B 16 3.83 28.73 -4.89
CA TYR B 16 3.87 30.15 -5.20
C TYR B 16 4.51 30.98 -4.09
N ASN B 17 4.21 30.64 -2.84
CA ASN B 17 4.87 31.26 -1.70
C ASN B 17 5.19 30.21 -0.66
N GLY B 18 6.15 29.34 -0.95
CA GLY B 18 6.48 28.26 -0.05
C GLY B 18 5.24 27.43 0.18
N THR B 19 4.94 27.11 1.43
CA THR B 19 3.72 26.35 1.72
C THR B 19 2.46 27.21 1.72
N GLN B 20 2.61 28.48 1.39
CA GLN B 20 1.48 29.40 1.34
C GLN B 20 0.41 28.91 0.37
N ARG B 21 0.69 29.01 -0.93
CA ARG B 21 -0.24 28.50 -1.93
C ARG B 21 0.40 27.40 -2.77
N VAL B 22 -0.04 26.17 -2.53
CA VAL B 22 0.48 25.02 -3.26
C VAL B 22 -0.53 24.49 -4.28
N ARG B 23 -0.02 24.09 -5.44
CA ARG B 23 -0.87 23.58 -6.51
C ARG B 23 -0.28 22.31 -7.09
N LEU B 24 -1.10 21.26 -7.17
CA LEU B 24 -0.67 19.99 -7.77
C LEU B 24 -1.13 19.91 -9.22
N LEU B 25 -0.23 19.52 -10.11
CA LEU B 25 -0.60 19.34 -11.52
C LEU B 25 -0.05 18.04 -12.07
N VAL B 26 -0.95 17.09 -12.30
CA VAL B 26 -0.59 15.81 -12.89
C VAL B 26 -0.81 15.86 -14.39
N ARG B 27 0.23 15.60 -15.16
CA ARG B 27 0.15 15.66 -16.61
C ARG B 27 0.50 14.31 -17.22
N TYR B 28 -0.34 13.84 -18.14
CA TYR B 28 -0.14 12.57 -18.79
C TYR B 28 0.04 12.79 -20.28
N PHE B 29 1.12 12.26 -20.84
CA PHE B 29 1.40 12.44 -22.26
C PHE B 29 1.56 11.11 -22.98
N TYR B 30 0.88 10.98 -24.11
CA TYR B 30 1.01 9.80 -24.96
C TYR B 30 1.81 10.28 -26.17
N ASN B 31 2.92 9.62 -26.43
CA ASN B 31 3.80 10.06 -27.50
C ASN B 31 4.22 11.49 -27.18
N LEU B 32 4.14 12.37 -28.18
CA LEU B 32 4.56 13.75 -28.03
C LEU B 32 3.45 14.71 -27.62
N GLU B 33 2.23 14.20 -27.50
CA GLU B 33 1.09 15.06 -27.17
C GLU B 33 0.43 14.68 -25.85
N GLU B 34 0.24 15.69 -24.99
CA GLU B 34 -0.42 15.50 -23.71
C GLU B 34 -1.90 15.19 -23.95
N ASN B 35 -2.47 14.33 -23.11
CA ASN B 35 -3.87 13.94 -23.26
C ASN B 35 -4.72 14.02 -22.00
N LEU B 36 -4.10 14.24 -20.85
CA LEU B 36 -4.86 14.23 -19.60
C LEU B 36 -4.23 15.04 -18.47
N ARG B 37 -5.07 15.77 -17.74
CA ARG B 37 -4.62 16.63 -16.64
C ARG B 37 -5.44 16.42 -15.37
N PHE B 38 -4.80 16.68 -14.23
CA PHE B 38 -5.49 16.79 -12.96
C PHE B 38 -4.97 18.02 -12.24
N ASP B 39 -5.77 19.09 -12.26
CA ASP B 39 -5.37 20.35 -11.64
C ASP B 39 -6.03 20.48 -10.28
N SER B 40 -5.21 20.57 -9.24
CA SER B 40 -5.72 20.66 -7.87
C SER B 40 -6.68 21.85 -7.69
N ASP B 41 -6.61 22.81 -8.60
CA ASP B 41 -7.49 23.96 -8.55
C ASP B 41 -8.85 23.62 -9.13
N VAL B 42 -8.89 22.58 -9.97
CA VAL B 42 -10.14 22.08 -10.52
C VAL B 42 -10.66 20.92 -9.66
N GLY B 43 -9.74 20.11 -9.16
CA GLY B 43 -10.08 19.02 -8.26
C GLY B 43 -10.59 17.79 -8.98
N GLU B 44 -10.57 17.84 -10.31
CA GLU B 44 -11.10 16.75 -11.11
C GLU B 44 -10.20 16.48 -12.28
N PHE B 45 -10.32 15.30 -12.89
CA PHE B 45 -9.55 14.98 -14.08
C PHE B 45 -10.17 15.61 -15.31
N ARG B 46 -9.32 16.04 -16.24
CA ARG B 46 -9.79 16.64 -17.48
C ARG B 46 -8.92 16.18 -18.65
N ALA B 47 -9.55 15.58 -19.65
CA ALA B 47 -8.83 15.14 -20.83
C ALA B 47 -8.38 16.36 -21.62
N VAL B 48 -7.14 16.31 -22.11
CA VAL B 48 -6.63 17.39 -22.92
C VAL B 48 -6.91 17.08 -24.40
N THR B 49 -7.00 15.79 -24.72
CA THR B 49 -7.32 15.38 -26.08
C THR B 49 -8.31 14.22 -26.09
N GLU B 50 -8.74 13.85 -27.28
CA GLU B 50 -9.63 12.70 -27.45
C GLU B 50 -9.10 11.50 -26.69
N LEU B 51 -7.79 11.29 -26.77
CA LEU B 51 -7.18 10.07 -26.23
C LEU B 51 -7.29 9.96 -24.72
N GLY B 52 -7.34 11.10 -24.04
CA GLY B 52 -7.37 11.11 -22.59
C GLY B 52 -8.76 11.00 -22.00
N ARG B 53 -9.78 10.99 -22.85
CA ARG B 53 -11.16 10.97 -22.37
C ARG B 53 -11.54 9.73 -21.57
N PRO B 54 -11.24 8.52 -22.10
CA PRO B 54 -11.58 7.29 -21.38
C PRO B 54 -11.08 7.28 -19.92
N ASP B 55 -9.85 7.72 -19.70
CA ASP B 55 -9.30 7.76 -18.34
C ASP B 55 -10.11 8.70 -17.45
N ALA B 56 -10.32 9.92 -17.93
CA ALA B 56 -11.08 10.90 -17.18
C ALA B 56 -12.42 10.34 -16.75
N GLU B 57 -13.11 9.69 -17.69
CA GLU B 57 -14.37 9.02 -17.39
C GLU B 57 -14.22 8.06 -16.22
N ASN B 58 -13.26 7.14 -16.34
CA ASN B 58 -13.03 6.09 -15.35
C ASN B 58 -12.65 6.63 -13.98
N TRP B 59 -11.62 7.45 -13.95
CA TRP B 59 -11.06 7.90 -12.68
C TRP B 59 -11.98 8.86 -11.93
N ASN B 60 -12.63 9.75 -12.66
CA ASN B 60 -13.54 10.70 -12.03
C ASN B 60 -14.74 10.02 -11.37
N SER B 61 -15.01 8.79 -11.76
CA SER B 61 -16.11 8.03 -11.18
C SER B 61 -15.64 7.19 -9.98
N GLN B 62 -14.40 7.44 -9.55
CA GLN B 62 -13.83 6.80 -8.38
C GLN B 62 -13.69 7.80 -7.24
N PRO B 63 -14.77 8.02 -6.48
CA PRO B 63 -14.90 9.00 -5.39
C PRO B 63 -13.73 8.99 -4.41
N GLU B 64 -13.35 7.81 -3.95
CA GLU B 64 -12.26 7.67 -2.99
C GLU B 64 -10.92 8.03 -3.63
N PHE B 65 -10.77 7.75 -4.92
CA PHE B 65 -9.56 8.12 -5.63
C PHE B 65 -9.43 9.63 -5.73
N LEU B 66 -10.45 10.29 -6.26
CA LEU B 66 -10.44 11.74 -6.35
C LEU B 66 -10.19 12.33 -4.99
N GLU B 67 -10.79 11.72 -3.99
CA GLU B 67 -10.65 12.15 -2.61
C GLU B 67 -9.19 12.09 -2.17
N GLN B 68 -8.56 10.93 -2.41
CA GLN B 68 -7.15 10.76 -2.09
C GLN B 68 -6.30 11.71 -2.91
N LYS B 69 -6.73 11.97 -4.15
CA LYS B 69 -5.99 12.85 -5.04
C LYS B 69 -5.95 14.28 -4.53
N ARG B 70 -7.11 14.80 -4.15
CA ARG B 70 -7.19 16.18 -3.69
C ARG B 70 -6.28 16.40 -2.48
N ALA B 71 -6.17 15.36 -1.66
CA ALA B 71 -5.39 15.43 -0.42
C ALA B 71 -3.89 15.48 -0.72
N GLU B 72 -3.50 14.91 -1.86
CA GLU B 72 -2.09 14.75 -2.18
C GLU B 72 -1.34 16.08 -2.27
N VAL B 73 -2.09 17.18 -2.35
CA VAL B 73 -1.49 18.50 -2.27
C VAL B 73 -0.71 18.61 -0.96
N ASP B 74 -1.29 18.05 0.09
CA ASP B 74 -0.70 18.11 1.42
C ASP B 74 0.18 16.88 1.69
N THR B 75 -0.41 15.70 1.57
CA THR B 75 0.27 14.44 1.86
C THR B 75 1.53 14.20 1.03
N VAL B 76 1.66 14.95 -0.07
CA VAL B 76 2.83 14.80 -0.96
C VAL B 76 3.61 16.08 -1.23
N CYS B 77 2.92 17.09 -1.76
CA CYS B 77 3.54 18.38 -2.07
C CYS B 77 4.13 19.08 -0.84
N ARG B 78 3.28 19.39 0.13
CA ARG B 78 3.72 20.00 1.38
C ARG B 78 4.83 19.17 2.01
N HIS B 79 4.54 17.88 2.23
CA HIS B 79 5.46 16.97 2.87
C HIS B 79 6.87 17.10 2.31
N ASN B 80 6.96 17.15 0.99
CA ASN B 80 8.25 17.27 0.31
C ASN B 80 8.92 18.62 0.49
N TYR B 81 8.12 19.68 0.46
CA TYR B 81 8.69 21.02 0.55
C TYR B 81 9.47 21.21 1.85
N GLU B 82 8.85 20.81 2.97
CA GLU B 82 9.49 20.92 4.27
C GLU B 82 10.80 20.15 4.31
N ILE B 83 10.90 19.14 3.45
CA ILE B 83 12.12 18.35 3.36
C ILE B 83 13.18 19.08 2.54
N PHE B 84 12.80 19.49 1.33
CA PHE B 84 13.76 20.13 0.43
C PHE B 84 14.15 21.52 0.89
N ASP B 85 13.25 22.15 1.63
CA ASP B 85 13.49 23.51 2.12
C ASP B 85 14.72 23.58 2.98
N ASN B 86 15.18 22.41 3.45
CA ASN B 86 16.33 22.32 4.34
C ASN B 86 17.68 22.40 3.63
N PHE B 87 17.72 21.93 2.39
CA PHE B 87 18.96 21.93 1.61
C PHE B 87 18.92 22.48 0.18
N LEU B 88 17.78 22.31 -0.49
CA LEU B 88 17.65 22.68 -1.89
C LEU B 88 17.24 24.14 -2.05
N VAL B 89 16.22 24.53 -1.31
CA VAL B 89 15.71 25.90 -1.40
C VAL B 89 16.75 26.95 -0.98
N PRO B 90 17.48 26.69 0.11
CA PRO B 90 18.48 27.65 0.58
C PRO B 90 19.90 27.36 0.07
N ARG B 91 19.99 26.85 -1.15
CA ARG B 91 21.30 26.55 -1.73
C ARG B 91 21.92 27.77 -2.38
N ARG B 92 23.13 28.10 -1.96
CA ARG B 92 23.85 29.26 -2.48
C ARG B 92 25.27 28.90 -2.91
N VAL B 93 25.56 29.11 -4.19
CA VAL B 93 26.89 28.87 -4.73
C VAL B 93 27.46 30.14 -5.34
N GLU B 94 28.54 30.66 -4.76
CA GLU B 94 29.12 31.91 -5.21
C GLU B 94 29.72 31.83 -6.61
N PRO B 95 29.37 32.81 -7.47
CA PRO B 95 29.82 32.85 -8.86
C PRO B 95 31.30 33.18 -8.96
N THR B 96 31.89 32.86 -10.10
CA THR B 96 33.29 33.17 -10.35
C THR B 96 33.35 34.12 -11.54
N VAL B 97 33.85 35.32 -11.31
CA VAL B 97 33.82 36.38 -12.32
C VAL B 97 35.20 36.64 -12.95
N THR B 98 35.23 36.71 -14.27
CA THR B 98 36.47 36.94 -15.00
C THR B 98 36.26 37.85 -16.20
N VAL B 99 37.14 38.84 -16.36
CA VAL B 99 37.05 39.76 -17.48
C VAL B 99 38.22 39.53 -18.43
N TYR B 100 37.92 39.44 -19.72
CA TYR B 100 38.96 39.23 -20.74
C TYR B 100 38.43 39.64 -22.11
N PRO B 101 39.35 40.02 -23.01
CA PRO B 101 39.00 40.41 -24.39
C PRO B 101 39.18 39.26 -25.37
N THR B 102 38.23 39.06 -26.27
CA THR B 102 38.32 38.00 -27.27
C THR B 102 39.47 38.27 -28.24
N LEU B 112 35.71 44.11 -28.06
CA LEU B 112 34.95 42.97 -27.57
C LEU B 112 35.46 42.46 -26.22
N LEU B 113 35.01 43.10 -25.15
CA LEU B 113 35.36 42.67 -23.80
C LEU B 113 34.32 41.69 -23.27
N VAL B 114 34.77 40.69 -22.53
CA VAL B 114 33.87 39.66 -22.02
C VAL B 114 33.91 39.49 -20.50
N CYS B 115 32.73 39.37 -19.91
CA CYS B 115 32.60 39.13 -18.48
C CYS B 115 32.06 37.73 -18.24
N SER B 116 32.91 36.83 -17.77
CA SER B 116 32.52 35.44 -17.55
C SER B 116 32.04 35.18 -16.12
N VAL B 117 30.74 34.99 -15.97
CA VAL B 117 30.16 34.63 -14.69
C VAL B 117 29.76 33.15 -14.71
N SER B 118 30.53 32.32 -14.01
CA SER B 118 30.34 30.87 -14.09
C SER B 118 30.21 30.23 -12.71
N ASP B 119 29.65 29.02 -12.69
CA ASP B 119 29.62 28.21 -11.48
C ASP B 119 28.86 28.89 -10.34
N PHE B 120 27.57 29.11 -10.53
CA PHE B 120 26.76 29.78 -9.53
C PHE B 120 25.32 29.26 -9.45
N TYR B 121 24.75 29.34 -8.24
CA TYR B 121 23.38 28.91 -7.99
C TYR B 121 22.79 29.74 -6.86
N PRO B 122 21.51 30.13 -6.98
CA PRO B 122 20.59 29.81 -8.08
C PRO B 122 20.89 30.61 -9.35
N GLY B 123 19.93 30.61 -10.27
CA GLY B 123 20.11 31.25 -11.57
C GLY B 123 19.80 32.72 -11.59
N ASN B 124 19.21 33.23 -10.50
CA ASN B 124 18.93 34.65 -10.37
C ASN B 124 20.25 35.43 -10.26
N ILE B 125 20.54 36.27 -11.25
CA ILE B 125 21.80 36.98 -11.24
C ILE B 125 21.77 38.24 -12.10
N GLU B 126 22.56 39.24 -11.72
CA GLU B 126 22.63 40.49 -12.46
C GLU B 126 24.07 40.86 -12.79
N VAL B 127 24.35 41.06 -14.08
CA VAL B 127 25.69 41.40 -14.55
C VAL B 127 25.68 42.72 -15.32
N ARG B 128 26.38 43.73 -14.80
CA ARG B 128 26.34 45.05 -15.40
C ARG B 128 27.73 45.60 -15.74
N TRP B 129 27.85 46.21 -16.92
CA TRP B 129 29.10 46.83 -17.36
C TRP B 129 29.16 48.30 -17.00
N PHE B 130 30.36 48.78 -16.69
CA PHE B 130 30.55 50.19 -16.35
C PHE B 130 31.72 50.81 -17.10
N LYS B 134 30.66 55.33 -15.94
CA LYS B 134 29.24 55.11 -15.71
C LYS B 134 28.72 53.89 -16.46
N GLU B 135 27.63 53.32 -15.97
CA GLU B 135 27.07 52.09 -16.55
C GLU B 135 26.72 52.25 -18.02
N GLU B 136 26.93 51.17 -18.78
CA GLU B 136 26.73 51.21 -20.22
C GLU B 136 25.60 50.29 -20.67
N LYS B 137 24.53 50.90 -21.19
CA LYS B 137 23.37 50.14 -21.66
C LYS B 137 23.46 49.89 -23.16
N THR B 138 24.65 50.06 -23.73
CA THR B 138 24.83 49.96 -25.17
C THR B 138 25.96 49.01 -25.57
N GLY B 139 25.72 48.23 -26.62
CA GLY B 139 26.73 47.30 -27.10
C GLY B 139 26.90 46.14 -26.14
N ILE B 140 25.77 45.61 -25.66
CA ILE B 140 25.81 44.50 -24.73
C ILE B 140 25.12 43.28 -25.32
N VAL B 141 25.87 42.19 -25.43
CA VAL B 141 25.30 40.92 -25.89
C VAL B 141 25.70 39.79 -24.98
N SER B 142 24.73 38.97 -24.59
CA SER B 142 24.97 37.86 -23.69
C SER B 142 24.47 36.54 -24.28
N THR B 143 25.09 35.45 -23.85
CA THR B 143 24.66 34.12 -24.26
C THR B 143 23.33 33.77 -23.61
N GLY B 144 22.95 34.55 -22.60
CA GLY B 144 21.78 34.26 -21.80
C GLY B 144 22.16 33.31 -20.67
N LEU B 145 21.24 33.06 -19.75
CA LEU B 145 21.50 32.15 -18.65
C LEU B 145 21.68 30.73 -19.17
N VAL B 146 22.71 30.05 -18.67
CA VAL B 146 22.99 28.69 -19.13
C VAL B 146 23.08 27.71 -17.97
N ARG B 147 22.18 26.72 -17.99
CA ARG B 147 22.13 25.69 -16.97
C ARG B 147 23.16 24.62 -17.29
N ASN B 148 24.00 24.28 -16.31
CA ASN B 148 25.05 23.30 -16.52
C ASN B 148 24.56 21.86 -16.32
N GLY B 149 23.41 21.73 -15.66
CA GLY B 149 22.82 20.43 -15.44
C GLY B 149 23.35 19.76 -14.19
N ASP B 150 24.17 20.49 -13.45
CA ASP B 150 24.72 19.96 -12.20
C ASP B 150 24.52 20.96 -11.06
N TRP B 151 23.41 21.69 -11.14
CA TRP B 151 23.00 22.61 -10.09
C TRP B 151 23.89 23.85 -10.07
N THR B 152 24.46 24.16 -11.24
CA THR B 152 25.27 25.36 -11.41
C THR B 152 24.94 26.03 -12.74
N PHE B 153 25.02 27.35 -12.75
CA PHE B 153 24.75 28.13 -13.95
C PHE B 153 26.00 28.88 -14.40
N GLN B 154 25.97 29.38 -15.63
CA GLN B 154 27.04 30.22 -16.15
C GLN B 154 26.48 31.15 -17.22
N THR B 155 27.13 32.30 -17.41
CA THR B 155 26.69 33.24 -18.43
C THR B 155 27.84 34.11 -18.92
N LEU B 156 27.78 34.51 -20.19
CA LEU B 156 28.78 35.40 -20.77
C LEU B 156 28.14 36.73 -21.17
N VAL B 157 28.51 37.78 -20.45
CA VAL B 157 28.03 39.12 -20.75
C VAL B 157 29.18 39.92 -21.36
N MET B 158 28.99 40.34 -22.61
CA MET B 158 30.07 40.96 -23.38
C MET B 158 29.75 42.40 -23.79
N LEU B 159 30.73 43.29 -23.62
CA LEU B 159 30.58 44.71 -23.94
C LEU B 159 31.42 45.10 -25.16
N GLU B 160 30.77 45.71 -26.15
CA GLU B 160 31.44 46.16 -27.35
C GLU B 160 32.23 47.44 -27.11
N THR B 161 33.55 47.36 -27.23
CA THR B 161 34.42 48.51 -27.04
C THR B 161 35.37 48.67 -28.23
N TYR B 169 37.37 50.11 -17.48
CA TYR B 169 36.14 49.35 -17.61
C TYR B 169 35.87 48.49 -16.36
N THR B 170 34.59 48.31 -16.05
CA THR B 170 34.21 47.57 -14.84
C THR B 170 33.03 46.63 -15.05
N CYS B 171 33.14 45.43 -14.49
CA CYS B 171 32.05 44.47 -14.52
C CYS B 171 31.54 44.22 -13.11
N GLN B 172 30.26 44.52 -12.88
CA GLN B 172 29.67 44.30 -11.56
C GLN B 172 28.67 43.14 -11.58
N VAL B 173 28.69 42.37 -10.50
CA VAL B 173 27.84 41.19 -10.37
C VAL B 173 27.12 41.18 -9.04
N GLU B 174 25.79 41.04 -9.09
CA GLU B 174 24.99 40.90 -7.89
C GLU B 174 24.28 39.55 -7.89
N HIS B 175 24.24 38.91 -6.73
CA HIS B 175 23.71 37.57 -6.61
C HIS B 175 23.31 37.28 -5.16
N PRO B 176 22.25 36.49 -4.96
CA PRO B 176 21.73 36.15 -3.63
C PRO B 176 22.79 35.56 -2.70
N SER B 177 23.90 35.10 -3.25
CA SER B 177 24.97 34.51 -2.45
C SER B 177 26.01 35.55 -2.06
N LEU B 178 25.78 36.78 -2.49
CA LEU B 178 26.72 37.87 -2.24
C LEU B 178 26.07 39.01 -1.47
N THR B 179 26.52 39.22 -0.25
CA THR B 179 26.05 40.34 0.57
C THR B 179 26.40 41.65 -0.09
N ASP B 180 27.65 41.78 -0.53
CA ASP B 180 28.10 42.95 -1.26
C ASP B 180 28.50 42.56 -2.69
N PRO B 181 28.07 43.37 -3.66
CA PRO B 181 28.32 43.10 -5.08
C PRO B 181 29.80 42.83 -5.39
N VAL B 182 30.04 42.08 -6.45
CA VAL B 182 31.39 41.77 -6.90
C VAL B 182 31.76 42.59 -8.12
N THR B 183 32.99 43.10 -8.16
CA THR B 183 33.43 44.00 -9.22
C THR B 183 34.71 43.53 -9.91
N VAL B 184 34.79 43.76 -11.22
CA VAL B 184 35.94 43.38 -12.05
C VAL B 184 36.85 42.31 -11.44
N GLN C 5 5.15 3.85 11.91
CA GLN C 5 4.57 3.23 13.10
C GLN C 5 3.23 3.89 13.45
N VAL C 6 2.35 3.11 14.09
CA VAL C 6 1.03 3.60 14.47
C VAL C 6 0.71 3.28 15.92
N GLU C 7 0.47 4.31 16.72
CA GLU C 7 0.08 4.12 18.12
C GLU C 7 -1.43 4.23 18.28
N GLN C 8 -2.10 3.08 18.30
CA GLN C 8 -3.53 3.03 18.48
C GLN C 8 -3.88 2.86 19.95
N SER C 9 -4.89 3.59 20.41
CA SER C 9 -5.34 3.50 21.79
C SER C 9 -6.87 3.46 21.86
N PRO C 10 -7.42 2.67 22.79
CA PRO C 10 -6.70 1.88 23.81
C PRO C 10 -6.54 0.41 23.41
N SER C 11 -6.13 -0.42 24.37
CA SER C 11 -5.90 -1.84 24.12
C SER C 11 -7.20 -2.62 24.11
N ALA C 12 -8.09 -2.30 25.05
CA ALA C 12 -9.37 -3.00 25.17
C ALA C 12 -10.48 -2.07 25.62
N LEU C 13 -11.72 -2.54 25.50
CA LEU C 13 -12.88 -1.74 25.86
C LEU C 13 -14.13 -2.58 26.12
N SER C 14 -14.85 -2.26 27.19
CA SER C 14 -16.11 -2.93 27.50
C SER C 14 -17.21 -1.89 27.61
N LEU C 15 -18.25 -2.05 26.82
CA LEU C 15 -19.33 -1.08 26.77
C LEU C 15 -20.69 -1.70 26.95
N HIS C 16 -21.44 -1.26 27.94
CA HIS C 16 -22.81 -1.72 28.07
C HIS C 16 -23.60 -1.18 26.89
N GLU C 17 -24.61 -1.92 26.47
CA GLU C 17 -25.45 -1.50 25.37
C GLU C 17 -25.77 -0.02 25.47
N GLY C 18 -25.90 0.63 24.32
CA GLY C 18 -26.33 2.00 24.26
C GLY C 18 -25.36 3.00 24.88
N THR C 19 -24.12 2.58 25.08
CA THR C 19 -23.08 3.49 25.54
C THR C 19 -22.19 3.89 24.36
N GLY C 20 -21.28 4.83 24.59
CA GLY C 20 -20.42 5.32 23.53
C GLY C 20 -18.99 5.59 23.96
N SER C 21 -18.08 5.61 22.99
CA SER C 21 -16.68 5.90 23.26
C SER C 21 -15.95 6.33 21.99
N ALA C 22 -14.62 6.31 22.02
CA ALA C 22 -13.83 6.71 20.87
C ALA C 22 -12.48 6.01 20.80
N LEU C 23 -12.04 5.71 19.58
CA LEU C 23 -10.73 5.13 19.35
C LEU C 23 -9.81 6.17 18.74
N ARG C 24 -8.50 5.97 18.85
CA ARG C 24 -7.56 6.93 18.30
C ARG C 24 -6.26 6.30 17.77
N CYS C 25 -5.87 6.73 16.58
CA CYS C 25 -4.58 6.35 15.98
C CYS C 25 -3.68 7.56 15.84
N ASN C 26 -2.41 7.39 16.22
CA ASN C 26 -1.42 8.45 16.07
C ASN C 26 -0.25 7.99 15.22
N PHE C 27 0.12 8.82 14.24
CA PHE C 27 1.08 8.44 13.22
C PHE C 27 2.42 9.13 13.38
N THR C 28 3.49 8.40 13.09
CA THR C 28 4.83 8.93 13.22
C THR C 28 5.30 9.56 11.92
N THR C 29 4.37 9.80 11.00
CA THR C 29 4.69 10.40 9.72
C THR C 29 3.45 10.67 8.89
N THR C 30 3.63 11.34 7.75
CA THR C 30 2.53 11.70 6.89
C THR C 30 1.94 10.47 6.21
N MET C 31 0.64 10.28 6.37
CA MET C 31 -0.07 9.16 5.75
C MET C 31 -0.93 9.66 4.61
N ARG C 32 -0.98 8.90 3.52
CA ARG C 32 -1.81 9.30 2.39
C ARG C 32 -3.27 9.36 2.82
N ALA C 33 -3.72 8.29 3.46
CA ALA C 33 -5.09 8.23 3.96
C ALA C 33 -5.19 7.12 5.01
N VAL C 34 -6.35 7.01 5.64
CA VAL C 34 -6.53 6.03 6.70
C VAL C 34 -7.78 5.18 6.50
N GLN C 35 -7.74 3.97 7.05
CA GLN C 35 -8.85 3.02 6.97
C GLN C 35 -9.13 2.40 8.33
N TRP C 36 -10.40 2.08 8.59
CA TRP C 36 -10.76 1.40 9.83
C TRP C 36 -11.42 0.06 9.54
N PHE C 37 -10.98 -0.97 10.25
CA PHE C 37 -11.50 -2.31 10.07
C PHE C 37 -12.03 -2.91 11.37
N ARG C 38 -12.94 -3.87 11.26
CA ARG C 38 -13.41 -4.64 12.41
C ARG C 38 -13.31 -6.12 12.11
N LYS C 39 -12.59 -6.86 12.95
CA LYS C 39 -12.50 -8.31 12.81
C LYS C 39 -13.46 -9.00 13.77
N ASN C 40 -14.59 -9.43 13.19
CA ASN C 40 -15.67 -10.14 13.86
C ASN C 40 -15.34 -11.59 14.20
N SER C 41 -16.12 -12.19 15.11
CA SER C 41 -15.82 -13.52 15.61
C SER C 41 -15.21 -14.39 14.52
N ARG C 42 -15.78 -14.31 13.32
CA ARG C 42 -15.34 -15.15 12.21
C ARG C 42 -14.07 -14.63 11.53
N GLY C 43 -13.31 -13.81 12.25
CA GLY C 43 -12.00 -13.36 11.81
C GLY C 43 -11.94 -12.64 10.47
N SER C 44 -13.10 -12.22 9.96
CA SER C 44 -13.14 -11.46 8.71
C SER C 44 -13.00 -9.96 8.99
N LEU C 45 -12.13 -9.29 8.23
CA LEU C 45 -11.86 -7.87 8.44
C LEU C 45 -12.86 -6.98 7.70
N ILE C 46 -13.95 -6.64 8.37
CA ILE C 46 -14.96 -5.77 7.77
C ILE C 46 -14.43 -4.34 7.56
N ASN C 47 -14.66 -3.80 6.38
CA ASN C 47 -14.20 -2.46 6.09
C ASN C 47 -15.21 -1.45 6.61
N LEU C 48 -14.80 -0.68 7.61
CA LEU C 48 -15.67 0.32 8.19
C LEU C 48 -15.55 1.67 7.51
N PHE C 49 -14.32 2.09 7.27
CA PHE C 49 -14.06 3.40 6.69
C PHE C 49 -12.83 3.49 5.82
N TYR C 50 -12.90 4.41 4.86
CA TYR C 50 -11.73 4.95 4.18
C TYR C 50 -11.88 6.46 4.11
N LEU C 51 -10.86 7.19 4.53
CA LEU C 51 -10.87 8.64 4.33
C LEU C 51 -9.46 9.21 4.27
N ALA C 52 -9.28 10.17 3.36
CA ALA C 52 -7.98 10.80 3.16
C ALA C 52 -7.95 12.18 3.78
N SER C 53 -9.09 12.62 4.30
CA SER C 53 -9.21 13.94 4.90
C SER C 53 -10.63 14.17 5.41
N GLY C 54 -10.74 14.94 6.49
CA GLY C 54 -12.05 15.33 6.99
C GLY C 54 -12.70 14.29 7.86
N THR C 55 -14.01 14.11 7.66
CA THR C 55 -14.79 13.19 8.48
C THR C 55 -15.85 12.47 7.66
N LYS C 56 -16.26 11.31 8.14
CA LYS C 56 -17.30 10.53 7.48
C LYS C 56 -18.16 9.83 8.53
N GLU C 57 -19.47 9.77 8.29
CA GLU C 57 -20.35 9.04 9.19
C GLU C 57 -20.95 7.84 8.47
N ASN C 58 -20.91 6.69 9.15
CA ASN C 58 -21.51 5.48 8.64
C ASN C 58 -22.33 4.80 9.73
N GLY C 59 -23.54 5.33 9.94
CA GLY C 59 -24.43 4.79 10.96
C GLY C 59 -24.06 5.31 12.34
N ARG C 60 -23.89 4.39 13.28
CA ARG C 60 -23.54 4.75 14.65
C ARG C 60 -22.06 5.10 14.76
N LEU C 61 -21.33 4.88 13.68
CA LEU C 61 -19.90 5.17 13.63
C LEU C 61 -19.59 6.46 12.87
N LYS C 62 -18.54 7.15 13.29
CA LYS C 62 -18.04 8.30 12.55
C LYS C 62 -16.55 8.46 12.80
N SER C 63 -15.79 8.57 11.72
CA SER C 63 -14.35 8.69 11.80
C SER C 63 -13.86 10.04 11.28
N ALA C 64 -12.73 10.50 11.81
CA ALA C 64 -12.12 11.74 11.33
C ALA C 64 -10.62 11.51 11.17
N PHE C 65 -10.03 12.19 10.19
CA PHE C 65 -8.62 12.01 9.89
C PHE C 65 -7.95 13.37 9.65
N ASP C 66 -6.65 13.44 9.97
CA ASP C 66 -5.90 14.66 9.74
C ASP C 66 -4.45 14.35 9.45
N SER C 67 -4.06 14.38 8.19
CA SER C 67 -2.74 13.94 7.77
C SER C 67 -1.58 14.72 8.36
N LYS C 68 -1.69 16.05 8.39
CA LYS C 68 -0.63 16.88 8.95
C LYS C 68 -0.42 16.62 10.42
N GLU C 69 -1.53 16.42 11.11
CA GLU C 69 -1.57 16.27 12.57
C GLU C 69 -1.24 14.83 12.89
N ARG C 70 -1.24 13.99 11.85
CA ARG C 70 -0.83 12.61 12.00
C ARG C 70 -1.68 11.86 13.01
N TYR C 71 -2.99 12.08 12.98
CA TYR C 71 -3.90 11.35 13.86
C TYR C 71 -5.23 11.04 13.16
N SER C 72 -5.91 10.03 13.69
CA SER C 72 -7.23 9.63 13.21
C SER C 72 -8.06 9.14 14.38
N THR C 73 -9.38 9.27 14.27
CA THR C 73 -10.25 8.84 15.36
C THR C 73 -11.51 8.17 14.86
N LEU C 74 -12.01 7.22 15.66
CA LEU C 74 -13.24 6.50 15.37
C LEU C 74 -14.17 6.61 16.58
N HIS C 75 -15.41 7.01 16.34
CA HIS C 75 -16.36 7.19 17.43
C HIS C 75 -17.52 6.21 17.32
N ILE C 76 -17.78 5.51 18.43
CA ILE C 76 -18.92 4.62 18.52
C ILE C 76 -19.97 5.24 19.43
N ARG C 77 -21.22 5.19 19.00
CA ARG C 77 -22.33 5.61 19.85
C ARG C 77 -23.43 4.57 19.79
N ASP C 78 -24.12 4.37 20.91
CA ASP C 78 -25.25 3.47 20.93
C ASP C 78 -24.78 2.05 20.60
N ALA C 79 -23.79 1.58 21.36
CA ALA C 79 -23.18 0.27 21.13
C ALA C 79 -24.20 -0.86 21.02
N GLN C 80 -23.89 -1.86 20.20
CA GLN C 80 -24.72 -3.04 20.04
C GLN C 80 -23.84 -4.28 20.03
N LEU C 81 -24.41 -5.43 20.39
CA LEU C 81 -23.65 -6.67 20.40
C LEU C 81 -22.82 -6.79 19.13
N GLU C 82 -23.46 -6.45 18.01
CA GLU C 82 -22.86 -6.62 16.69
C GLU C 82 -21.59 -5.79 16.53
N ASP C 83 -21.33 -4.91 17.49
CA ASP C 83 -20.15 -4.04 17.43
C ASP C 83 -18.92 -4.70 18.02
N SER C 84 -19.12 -5.68 18.88
CA SER C 84 -18.00 -6.42 19.45
C SER C 84 -17.03 -6.84 18.34
N GLY C 85 -15.76 -6.97 18.70
CA GLY C 85 -14.72 -7.32 17.74
C GLY C 85 -13.52 -6.41 17.88
N THR C 86 -12.36 -6.88 17.43
CA THR C 86 -11.12 -6.10 17.53
C THR C 86 -10.99 -5.12 16.38
N TYR C 87 -10.99 -3.82 16.69
CA TYR C 87 -10.88 -2.78 15.68
C TYR C 87 -9.43 -2.42 15.38
N PHE C 88 -9.10 -2.36 14.10
CA PHE C 88 -7.78 -1.91 13.67
C PHE C 88 -7.89 -0.67 12.79
N CYS C 89 -6.82 0.12 12.78
CA CYS C 89 -6.68 1.19 11.80
C CYS C 89 -5.44 0.92 10.96
N ALA C 90 -5.47 1.34 9.70
CA ALA C 90 -4.38 1.09 8.77
C ALA C 90 -4.21 2.28 7.84
N ALA C 91 -2.96 2.63 7.54
CA ALA C 91 -2.68 3.76 6.67
C ALA C 91 -1.41 3.54 5.89
N GLU C 92 -1.30 4.18 4.73
CA GLU C 92 -0.05 4.19 3.96
C GLU C 92 0.71 5.49 4.19
N PRO C 93 2.02 5.36 4.46
CA PRO C 93 2.78 6.61 4.51
C PRO C 93 2.97 7.08 3.08
N SER C 94 2.97 8.39 2.87
CA SER C 94 3.19 8.92 1.53
C SER C 94 4.60 8.57 1.05
N SER C 95 5.43 8.06 1.96
CA SER C 95 6.78 7.65 1.64
C SER C 95 6.82 6.41 0.77
N GLY C 96 5.98 5.42 1.10
CA GLY C 96 5.93 4.20 0.31
C GLY C 96 4.54 3.72 -0.06
N GLN C 97 4.44 2.43 -0.36
CA GLN C 97 3.21 1.89 -0.92
C GLN C 97 2.60 0.88 0.03
N LYS C 98 3.37 0.51 1.05
CA LYS C 98 2.93 -0.45 2.07
C LYS C 98 2.07 0.10 3.23
N LEU C 99 1.17 -0.75 3.71
CA LEU C 99 0.16 -0.35 4.68
C LEU C 99 0.66 -0.62 6.10
N VAL C 100 0.36 0.27 7.04
CA VAL C 100 0.76 0.05 8.42
C VAL C 100 -0.48 -0.08 9.30
N PHE C 101 -0.44 -0.99 10.27
CA PHE C 101 -1.56 -1.18 11.18
C PHE C 101 -1.23 -0.74 12.60
N GLY C 102 -2.27 -0.63 13.41
CA GLY C 102 -2.12 -0.37 14.83
C GLY C 102 -2.12 -1.69 15.61
N GLN C 103 -2.04 -1.61 16.93
CA GLN C 103 -2.07 -2.81 17.77
C GLN C 103 -3.48 -3.35 17.91
N GLY C 104 -4.46 -2.50 17.64
CA GLY C 104 -5.85 -2.90 17.67
C GLY C 104 -6.52 -2.69 19.01
N THR C 105 -7.84 -2.50 18.97
CA THR C 105 -8.64 -2.33 20.16
C THR C 105 -9.67 -3.44 20.26
N ILE C 106 -9.57 -4.25 21.31
CA ILE C 106 -10.54 -5.32 21.52
C ILE C 106 -11.80 -4.78 22.18
N LEU C 107 -12.87 -4.65 21.39
CA LEU C 107 -14.13 -4.13 21.90
C LEU C 107 -15.10 -5.25 22.30
N LYS C 108 -15.81 -5.03 23.40
CA LYS C 108 -16.75 -6.00 23.93
C LYS C 108 -17.98 -5.28 24.46
N VAL C 109 -19.15 -5.59 23.89
CA VAL C 109 -20.38 -4.91 24.30
C VAL C 109 -21.21 -5.74 25.27
N TYR C 110 -21.22 -5.29 26.52
CA TYR C 110 -21.98 -5.96 27.59
C TYR C 110 -23.47 -5.76 27.40
N LEU C 111 -24.21 -6.84 27.59
CA LEU C 111 -25.65 -6.83 27.38
C LEU C 111 -26.35 -6.48 28.69
N HIS C 112 -27.59 -5.99 28.58
CA HIS C 112 -28.34 -5.60 29.76
C HIS C 112 -29.41 -6.62 30.12
N ILE C 113 -29.16 -7.40 31.17
CA ILE C 113 -30.09 -8.42 31.62
C ILE C 113 -31.22 -7.82 32.47
N GLN C 114 -32.40 -7.66 31.87
CA GLN C 114 -33.57 -7.12 32.56
C GLN C 114 -34.00 -7.97 33.74
N ASN C 115 -34.35 -9.22 33.48
CA ASN C 115 -34.81 -10.12 34.52
C ASN C 115 -33.90 -11.34 34.70
N PRO C 116 -32.80 -11.18 35.43
CA PRO C 116 -31.88 -12.26 35.74
C PRO C 116 -32.62 -13.46 36.31
N ASP C 117 -32.21 -14.66 35.95
CA ASP C 117 -32.82 -15.87 36.51
C ASP C 117 -31.86 -17.05 36.42
N PRO C 118 -30.70 -16.92 37.08
CA PRO C 118 -29.69 -17.97 36.97
C PRO C 118 -30.26 -19.32 37.36
N ALA C 119 -29.71 -20.37 36.76
CA ALA C 119 -30.12 -21.72 37.04
C ALA C 119 -29.18 -22.66 36.30
N VAL C 120 -28.98 -23.85 36.85
CA VAL C 120 -28.11 -24.81 36.19
C VAL C 120 -28.87 -26.09 35.87
N TYR C 121 -29.07 -26.33 34.58
CA TYR C 121 -29.81 -27.49 34.13
C TYR C 121 -28.86 -28.58 33.67
N GLN C 122 -29.37 -29.80 33.60
CA GLN C 122 -28.60 -30.90 33.05
C GLN C 122 -29.26 -31.37 31.77
N LEU C 123 -28.46 -31.74 30.78
CA LEU C 123 -29.00 -32.15 29.49
C LEU C 123 -28.49 -33.52 29.10
N ARG C 124 -29.41 -34.40 28.71
CA ARG C 124 -29.06 -35.73 28.26
C ARG C 124 -28.67 -35.71 26.78
N ASP C 125 -27.84 -36.67 26.39
CA ASP C 125 -27.44 -36.81 24.98
C ASP C 125 -28.58 -37.42 24.19
N SER C 126 -28.80 -36.91 22.97
CA SER C 126 -29.91 -37.36 22.14
C SER C 126 -29.68 -38.75 21.54
N LYS C 127 -28.46 -39.26 21.64
CA LYS C 127 -28.12 -40.57 21.09
C LYS C 127 -28.06 -41.65 22.16
N SER C 128 -27.64 -41.26 23.35
CA SER C 128 -27.54 -42.19 24.47
C SER C 128 -27.66 -41.48 25.82
N SER C 129 -28.46 -42.05 26.72
CA SER C 129 -28.65 -41.48 28.04
C SER C 129 -27.39 -41.60 28.89
N ASP C 130 -26.29 -42.02 28.25
CA ASP C 130 -25.01 -42.19 28.91
C ASP C 130 -24.32 -40.86 29.15
N LYS C 131 -24.35 -39.99 28.14
CA LYS C 131 -23.67 -38.70 28.19
C LYS C 131 -24.58 -37.60 28.70
N SER C 132 -23.98 -36.57 29.29
CA SER C 132 -24.72 -35.40 29.75
C SER C 132 -23.80 -34.22 30.06
N VAL C 133 -24.30 -33.01 29.84
CA VAL C 133 -23.55 -31.79 30.11
C VAL C 133 -24.33 -30.85 31.01
N CYS C 134 -23.65 -29.84 31.54
CA CYS C 134 -24.28 -28.89 32.45
C CYS C 134 -24.38 -27.50 31.83
N LEU C 135 -25.57 -26.92 31.91
CA LEU C 135 -25.82 -25.61 31.35
C LEU C 135 -26.12 -24.59 32.42
N PHE C 136 -25.18 -23.69 32.65
CA PHE C 136 -25.40 -22.56 33.52
C PHE C 136 -25.90 -21.41 32.67
N THR C 137 -27.06 -20.85 33.02
CA THR C 137 -27.68 -19.88 32.13
C THR C 137 -28.55 -18.83 32.82
N ASP C 138 -28.88 -17.78 32.06
CA ASP C 138 -29.81 -16.75 32.50
C ASP C 138 -29.33 -15.96 33.69
N PHE C 139 -28.01 -15.80 33.80
CA PHE C 139 -27.43 -14.93 34.82
C PHE C 139 -27.17 -13.56 34.20
N ASP C 140 -26.83 -12.58 35.03
CA ASP C 140 -26.57 -11.23 34.55
C ASP C 140 -25.09 -10.99 34.20
N SER C 141 -24.83 -9.93 33.45
CA SER C 141 -23.49 -9.64 32.93
C SER C 141 -22.42 -9.55 34.02
N GLN C 142 -22.84 -9.21 35.23
CA GLN C 142 -21.94 -9.10 36.37
C GLN C 142 -21.14 -10.38 36.56
N THR C 143 -21.86 -11.50 36.57
CA THR C 143 -21.29 -12.81 36.91
C THR C 143 -20.12 -13.23 36.01
N ASN C 144 -19.21 -14.01 36.58
CA ASN C 144 -18.09 -14.58 35.83
C ASN C 144 -17.91 -16.07 36.10
N VAL C 145 -17.11 -16.73 35.26
CA VAL C 145 -16.91 -18.17 35.37
C VAL C 145 -15.44 -18.54 35.29
N SER C 146 -15.02 -19.48 36.13
CA SER C 146 -13.62 -19.92 36.15
C SER C 146 -13.49 -21.35 35.62
N GLN C 147 -12.26 -21.86 35.57
CA GLN C 147 -12.02 -23.21 35.10
C GLN C 147 -11.93 -24.20 36.26
N ASP C 150 -11.05 -27.81 36.87
CA ASP C 150 -10.11 -28.67 37.58
C ASP C 150 -10.02 -30.04 36.93
N SER C 151 -8.80 -30.56 36.82
CA SER C 151 -8.58 -31.88 36.25
C SER C 151 -9.36 -32.10 34.94
N ASP C 152 -10.03 -33.24 34.85
CA ASP C 152 -10.79 -33.58 33.65
C ASP C 152 -12.16 -32.91 33.66
N VAL C 153 -12.24 -31.75 34.30
CA VAL C 153 -13.46 -30.96 34.36
C VAL C 153 -13.34 -29.71 33.48
N TYR C 154 -14.12 -29.66 32.41
CA TYR C 154 -14.06 -28.54 31.47
C TYR C 154 -15.23 -27.60 31.68
N ILE C 155 -14.93 -26.30 31.65
CA ILE C 155 -15.96 -25.28 31.77
C ILE C 155 -15.69 -24.16 30.77
N THR C 156 -16.51 -24.10 29.73
CA THR C 156 -16.34 -23.09 28.70
C THR C 156 -16.45 -21.70 29.27
N ASP C 157 -16.03 -20.72 28.48
CA ASP C 157 -16.26 -19.33 28.83
C ASP C 157 -17.71 -18.98 28.51
N LYS C 158 -18.13 -17.79 28.90
CA LYS C 158 -19.51 -17.36 28.70
C LYS C 158 -19.71 -16.73 27.32
N CYS C 159 -20.97 -16.56 26.96
CA CYS C 159 -21.34 -16.04 25.65
C CYS C 159 -22.83 -15.73 25.65
N VAL C 160 -23.23 -14.71 24.89
CA VAL C 160 -24.63 -14.30 24.90
C VAL C 160 -25.33 -14.58 23.57
N LEU C 161 -26.54 -15.14 23.66
CA LEU C 161 -27.33 -15.42 22.47
C LEU C 161 -28.55 -14.51 22.41
N ASP C 162 -29.10 -14.32 21.23
CA ASP C 162 -30.19 -13.37 21.05
C ASP C 162 -31.39 -13.98 20.32
N MET C 163 -32.44 -14.25 21.09
CA MET C 163 -33.71 -14.69 20.51
C MET C 163 -34.50 -13.45 20.11
N ARG C 164 -34.32 -13.04 18.86
CA ARG C 164 -34.87 -11.76 18.41
C ARG C 164 -36.39 -11.79 18.35
N SER C 165 -36.96 -12.90 17.90
CA SER C 165 -38.41 -13.01 17.73
C SER C 165 -39.17 -12.71 19.01
N MET C 166 -38.48 -12.83 20.14
CA MET C 166 -39.11 -12.61 21.44
C MET C 166 -38.49 -11.42 22.14
N ASP C 167 -37.63 -10.71 21.44
CA ASP C 167 -36.96 -9.55 22.01
C ASP C 167 -36.29 -9.95 23.31
N PHE C 168 -35.67 -11.13 23.29
CA PHE C 168 -35.06 -11.69 24.48
C PHE C 168 -33.59 -12.07 24.24
N LYS C 169 -32.76 -11.88 25.26
CA LYS C 169 -31.36 -12.26 25.16
C LYS C 169 -30.88 -12.82 26.48
N SER C 170 -29.99 -13.81 26.40
CA SER C 170 -29.53 -14.50 27.61
C SER C 170 -28.11 -15.03 27.48
N ASN C 171 -27.41 -15.06 28.62
CA ASN C 171 -26.05 -15.58 28.67
C ASN C 171 -26.07 -17.07 28.98
N SER C 172 -24.90 -17.69 28.88
CA SER C 172 -24.79 -19.12 29.09
C SER C 172 -23.35 -19.59 29.17
N ALA C 173 -23.15 -20.76 29.77
CA ALA C 173 -21.84 -21.39 29.83
C ALA C 173 -22.03 -22.89 30.01
N VAL C 174 -21.06 -23.66 29.56
CA VAL C 174 -21.20 -25.12 29.60
C VAL C 174 -20.06 -25.76 30.37
N ALA C 175 -20.39 -26.82 31.09
CA ALA C 175 -19.38 -27.61 31.77
C ALA C 175 -19.65 -29.08 31.48
N TRP C 176 -18.63 -29.91 31.60
CA TRP C 176 -18.81 -31.34 31.41
C TRP C 176 -17.58 -32.12 31.88
N SER C 177 -17.79 -33.39 32.20
CA SER C 177 -16.72 -34.24 32.70
C SER C 177 -17.06 -35.72 32.50
N ALA C 183 -21.11 -34.01 39.05
CA ALA C 183 -22.53 -33.65 39.11
C ALA C 183 -22.74 -32.16 38.81
N CYS C 184 -23.93 -31.83 38.31
CA CYS C 184 -24.23 -30.46 37.89
C CYS C 184 -24.33 -29.49 39.07
N ALA C 185 -24.43 -30.03 40.27
CA ALA C 185 -24.53 -29.20 41.47
C ALA C 185 -23.17 -28.59 41.81
N ASN C 186 -22.11 -29.37 41.62
CA ASN C 186 -20.78 -28.93 41.98
C ASN C 186 -20.01 -28.33 40.81
N ALA C 187 -20.50 -28.60 39.61
CA ALA C 187 -19.80 -28.19 38.39
C ALA C 187 -19.37 -26.72 38.40
N PHE C 188 -20.31 -25.84 38.69
CA PHE C 188 -20.04 -24.40 38.66
C PHE C 188 -19.82 -23.82 40.05
N ASN C 189 -19.43 -24.67 40.99
CA ASN C 189 -19.21 -24.30 42.39
C ASN C 189 -20.09 -23.15 42.88
N MET D 1 -18.04 -8.65 -6.78
CA MET D 1 -17.57 -9.78 -5.98
C MET D 1 -16.73 -9.30 -4.80
N LYS D 2 -16.60 -10.16 -3.79
CA LYS D 2 -15.82 -9.83 -2.60
C LYS D 2 -14.64 -10.78 -2.44
N VAL D 3 -13.46 -10.22 -2.23
CA VAL D 3 -12.26 -11.02 -2.05
C VAL D 3 -12.57 -12.35 -1.38
N ILE D 4 -12.30 -13.44 -2.10
CA ILE D 4 -12.56 -14.78 -1.58
C ILE D 4 -11.28 -15.57 -1.39
N GLN D 5 -11.05 -16.04 -0.17
CA GLN D 5 -9.84 -16.80 0.14
C GLN D 5 -10.16 -18.22 0.59
N THR D 6 -9.40 -19.16 0.05
CA THR D 6 -9.52 -20.57 0.39
C THR D 6 -8.14 -21.20 0.40
N PRO D 7 -7.93 -22.18 1.30
CA PRO D 7 -8.93 -22.62 2.27
C PRO D 7 -8.98 -21.70 3.49
N ARG D 8 -10.16 -21.53 4.07
CA ARG D 8 -10.30 -20.71 5.27
C ARG D 8 -9.31 -21.16 6.34
N TYR D 9 -9.02 -22.45 6.38
CA TYR D 9 -8.03 -23.00 7.29
C TYR D 9 -7.04 -23.91 6.55
N LEU D 10 -5.87 -24.10 7.14
CA LEU D 10 -4.85 -24.95 6.52
C LEU D 10 -3.82 -25.45 7.53
N VAL D 11 -3.35 -26.68 7.32
CA VAL D 11 -2.34 -27.27 8.18
C VAL D 11 -1.34 -28.10 7.38
N LYS D 12 -0.06 -27.93 7.70
CA LYS D 12 1.02 -28.62 7.00
C LYS D 12 2.15 -28.95 7.95
N GLY D 13 2.75 -30.12 7.77
CA GLY D 13 3.94 -30.49 8.53
C GLY D 13 5.18 -29.87 7.94
N GLN D 14 6.18 -29.62 8.78
CA GLN D 14 7.42 -29.00 8.34
C GLN D 14 7.96 -29.62 7.07
N GLY D 15 8.39 -28.77 6.14
CA GLY D 15 8.99 -29.23 4.89
C GLY D 15 8.00 -29.31 3.75
N GLN D 16 6.71 -29.42 4.08
CA GLN D 16 5.66 -29.50 3.06
C GLN D 16 5.37 -28.13 2.47
N LYS D 17 4.92 -28.13 1.23
CA LYS D 17 4.51 -26.89 0.58
C LYS D 17 3.08 -26.57 1.02
N ALA D 18 2.82 -25.30 1.30
CA ALA D 18 1.48 -24.86 1.66
C ALA D 18 1.00 -23.81 0.68
N LYS D 19 0.01 -24.17 -0.13
CA LYS D 19 -0.51 -23.24 -1.12
C LYS D 19 -1.83 -22.62 -0.68
N MET D 20 -2.04 -21.37 -1.07
CA MET D 20 -3.21 -20.62 -0.70
C MET D 20 -3.75 -19.93 -1.94
N ARG D 21 -5.07 -19.80 -1.99
CA ARG D 21 -5.74 -19.27 -3.15
C ARG D 21 -6.43 -17.95 -2.79
N CYS D 22 -6.66 -17.10 -3.78
CA CYS D 22 -7.30 -15.81 -3.54
C CYS D 22 -7.98 -15.29 -4.80
N ILE D 23 -9.22 -14.89 -4.66
CA ILE D 23 -9.97 -14.31 -5.77
C ILE D 23 -10.40 -12.89 -5.43
N PRO D 24 -9.96 -11.92 -6.23
CA PRO D 24 -10.20 -10.50 -5.98
C PRO D 24 -11.60 -10.07 -6.38
N GLU D 25 -12.05 -8.90 -5.93
CA GLU D 25 -13.34 -8.39 -6.35
C GLU D 25 -13.42 -8.39 -7.87
N LYS D 26 -14.62 -8.19 -8.40
CA LYS D 26 -14.80 -8.18 -9.85
C LYS D 26 -14.29 -6.86 -10.43
N GLY D 27 -13.23 -6.94 -11.21
CA GLY D 27 -12.65 -5.75 -11.81
C GLY D 27 -11.45 -5.20 -11.04
N HIS D 28 -11.13 -5.82 -9.90
CA HIS D 28 -9.95 -5.42 -9.13
C HIS D 28 -8.70 -6.15 -9.61
N PRO D 29 -7.78 -5.42 -10.27
CA PRO D 29 -6.54 -5.99 -10.83
C PRO D 29 -5.41 -6.05 -9.81
N VAL D 30 -5.34 -5.05 -8.94
CA VAL D 30 -4.31 -4.98 -7.92
C VAL D 30 -4.60 -5.96 -6.79
N VAL D 31 -3.58 -6.69 -6.36
CA VAL D 31 -3.76 -7.72 -5.34
C VAL D 31 -2.71 -7.62 -4.25
N PHE D 32 -3.12 -7.80 -3.01
CA PHE D 32 -2.20 -7.72 -1.88
C PHE D 32 -2.17 -8.97 -1.02
N TRP D 33 -0.98 -9.29 -0.52
CA TRP D 33 -0.82 -10.39 0.44
C TRP D 33 -0.13 -9.89 1.71
N TYR D 34 -0.82 -10.01 2.84
CA TYR D 34 -0.25 -9.64 4.14
C TYR D 34 -0.22 -10.83 5.08
N GLN D 35 0.50 -10.69 6.18
CA GLN D 35 0.60 -11.75 7.18
C GLN D 35 0.37 -11.17 8.57
N GLN D 36 -0.57 -11.76 9.31
CA GLN D 36 -0.84 -11.34 10.68
C GLN D 36 -0.61 -12.49 11.65
N ASN D 37 0.11 -12.22 12.74
CA ASN D 37 0.36 -13.24 13.75
C ASN D 37 -0.58 -13.10 14.94
N LYS D 38 -0.48 -14.04 15.88
CA LYS D 38 -1.36 -14.03 17.06
C LYS D 38 -1.19 -12.76 17.90
N ASN D 39 -0.05 -12.09 17.73
CA ASN D 39 0.17 -10.82 18.40
C ASN D 39 -0.39 -9.64 17.62
N ASN D 40 -1.17 -9.95 16.59
CA ASN D 40 -1.81 -8.92 15.77
C ASN D 40 -0.81 -7.97 15.14
N GLU D 41 0.28 -8.51 14.63
CA GLU D 41 1.28 -7.74 13.93
C GLU D 41 1.24 -8.09 12.44
N PHE D 42 1.11 -7.08 11.60
CA PHE D 42 1.00 -7.30 10.16
C PHE D 42 2.33 -7.12 9.44
N LYS D 43 2.45 -7.78 8.29
CA LYS D 43 3.65 -7.70 7.48
C LYS D 43 3.29 -7.84 6.00
N PHE D 44 3.53 -6.79 5.23
CA PHE D 44 3.33 -6.85 3.79
C PHE D 44 4.22 -7.94 3.20
N LEU D 45 3.64 -8.77 2.33
CA LEU D 45 4.38 -9.87 1.73
C LEU D 45 4.69 -9.64 0.25
N ILE D 46 3.66 -9.37 -0.54
CA ILE D 46 3.82 -9.17 -1.97
C ILE D 46 2.64 -8.41 -2.58
N ASN D 47 2.83 -7.91 -3.80
CA ASN D 47 1.85 -7.05 -4.44
C ASN D 47 1.80 -7.29 -5.96
N PHE D 48 0.61 -7.37 -6.51
CA PHE D 48 0.45 -7.68 -7.91
C PHE D 48 -0.57 -6.79 -8.54
N GLN D 49 -0.36 -6.48 -9.81
CA GLN D 49 -1.40 -5.91 -10.62
C GLN D 49 -1.53 -6.86 -11.77
N ASN D 50 -2.70 -7.45 -11.95
CA ASN D 50 -2.83 -8.44 -12.99
C ASN D 50 -1.79 -9.51 -12.69
N GLN D 51 -1.02 -9.87 -13.70
CA GLN D 51 0.06 -10.85 -13.59
C GLN D 51 1.33 -10.38 -12.90
N GLU D 52 1.71 -9.14 -13.17
CA GLU D 52 3.04 -8.61 -12.87
C GLU D 52 3.21 -8.17 -11.42
N VAL D 53 4.39 -8.41 -10.89
CA VAL D 53 4.69 -8.06 -9.50
C VAL D 53 5.03 -6.57 -9.38
N LEU D 54 4.45 -5.94 -8.38
CA LEU D 54 4.70 -4.53 -8.12
C LEU D 54 5.75 -4.36 -7.04
N GLN D 55 5.74 -5.26 -6.06
CA GLN D 55 6.70 -5.22 -4.96
C GLN D 55 6.66 -6.50 -4.12
N GLN D 56 7.77 -6.82 -3.47
CA GLN D 56 7.83 -7.94 -2.53
C GLN D 56 9.04 -7.84 -1.61
N ILE D 57 8.99 -8.57 -0.51
CA ILE D 57 10.09 -8.56 0.46
C ILE D 57 11.15 -9.60 0.07
N ASP D 58 12.17 -9.73 0.91
CA ASP D 58 13.27 -10.65 0.62
C ASP D 58 12.96 -12.09 1.05
N MET D 59 12.02 -12.22 1.98
CA MET D 59 11.57 -13.54 2.43
C MET D 59 10.67 -14.21 1.38
N THR D 60 9.68 -13.47 0.90
CA THR D 60 8.74 -14.00 -0.09
C THR D 60 9.46 -14.47 -1.35
N GLU D 61 10.54 -13.76 -1.70
CA GLU D 61 11.32 -14.09 -2.88
C GLU D 61 12.01 -15.45 -2.76
N LYS D 62 12.49 -15.75 -1.56
CA LYS D 62 13.25 -16.97 -1.34
C LYS D 62 12.34 -18.15 -0.99
N ARG D 63 11.39 -17.92 -0.07
CA ARG D 63 10.61 -19.00 0.51
C ARG D 63 9.20 -19.11 -0.06
N PHE D 64 8.72 -18.04 -0.68
CA PHE D 64 7.35 -18.01 -1.20
C PHE D 64 7.31 -17.98 -2.72
N SER D 65 6.19 -18.43 -3.26
CA SER D 65 5.97 -18.40 -4.71
C SER D 65 4.56 -17.90 -4.99
N ALA D 66 4.48 -16.77 -5.68
CA ALA D 66 3.19 -16.12 -5.90
C ALA D 66 2.91 -15.90 -7.38
N GLU D 67 1.65 -16.07 -7.77
CA GLU D 67 1.25 -15.86 -9.14
C GLU D 67 -0.12 -15.21 -9.20
N CYS D 68 -0.36 -14.46 -10.28
CA CYS D 68 -1.69 -13.98 -10.58
C CYS D 68 -1.98 -14.21 -12.06
N PRO D 69 -2.03 -15.49 -12.47
CA PRO D 69 -2.24 -15.91 -13.86
C PRO D 69 -3.54 -15.34 -14.42
N SER D 70 -3.52 -14.93 -15.68
CA SER D 70 -4.69 -14.38 -16.32
C SER D 70 -5.82 -15.39 -16.24
N ASN D 71 -7.02 -14.90 -15.98
CA ASN D 71 -8.19 -15.77 -15.90
C ASN D 71 -7.85 -16.97 -15.04
N SER D 72 -7.52 -16.68 -13.78
CA SER D 72 -7.11 -17.67 -12.80
C SER D 72 -6.84 -17.01 -11.45
N PRO D 73 -7.20 -17.72 -10.36
CA PRO D 73 -7.03 -17.14 -9.02
C PRO D 73 -5.58 -16.91 -8.68
N CYS D 74 -5.28 -15.76 -8.10
CA CYS D 74 -3.94 -15.49 -7.59
C CYS D 74 -3.62 -16.48 -6.49
N SER D 75 -2.37 -16.94 -6.45
CA SER D 75 -1.96 -17.92 -5.46
C SER D 75 -0.68 -17.50 -4.77
N LEU D 76 -0.47 -18.04 -3.58
CA LEU D 76 0.71 -17.77 -2.78
C LEU D 76 1.11 -19.08 -2.13
N GLU D 77 2.30 -19.56 -2.42
CA GLU D 77 2.72 -20.88 -1.96
C GLU D 77 4.05 -20.84 -1.24
N ILE D 78 4.07 -21.36 -0.01
CA ILE D 78 5.32 -21.54 0.70
C ILE D 78 5.96 -22.82 0.22
N GLN D 79 7.28 -22.80 0.02
CA GLN D 79 7.99 -23.93 -0.56
C GLN D 79 8.48 -24.92 0.49
N SER D 80 8.78 -24.43 1.68
CA SER D 80 9.17 -25.31 2.78
C SER D 80 8.71 -24.73 4.09
N SER D 81 7.54 -25.17 4.53
CA SER D 81 6.87 -24.60 5.70
C SER D 81 7.66 -24.79 6.99
N GLU D 82 7.60 -23.77 7.84
CA GLU D 82 8.23 -23.82 9.16
C GLU D 82 7.23 -23.37 10.22
N ALA D 83 7.51 -23.68 11.47
CA ALA D 83 6.60 -23.36 12.56
C ALA D 83 6.35 -21.86 12.65
N GLY D 84 7.24 -21.07 12.07
CA GLY D 84 7.14 -19.61 12.13
C GLY D 84 6.32 -19.02 11.01
N ASP D 85 5.84 -19.87 10.12
CA ASP D 85 4.95 -19.44 9.05
C ASP D 85 3.51 -19.48 9.56
N SER D 86 3.33 -20.17 10.69
CA SER D 86 2.03 -20.22 11.32
C SER D 86 1.51 -18.80 11.54
N ALA D 87 0.55 -18.39 10.71
CA ALA D 87 -0.05 -17.06 10.80
C ALA D 87 -1.30 -16.97 9.95
N LEU D 88 -1.96 -15.82 10.00
CA LEU D 88 -3.13 -15.56 9.17
C LEU D 88 -2.72 -14.81 7.90
N TYR D 89 -2.99 -15.42 6.74
CA TYR D 89 -2.59 -14.82 5.48
C TYR D 89 -3.73 -14.09 4.79
N LEU D 90 -3.77 -12.77 4.97
CA LEU D 90 -4.81 -11.94 4.42
C LEU D 90 -4.49 -11.48 3.00
N CYS D 91 -5.44 -11.65 2.09
CA CYS D 91 -5.30 -11.14 0.73
C CYS D 91 -6.38 -10.10 0.47
N ALA D 92 -5.99 -8.98 -0.11
CA ALA D 92 -6.92 -7.92 -0.43
C ALA D 92 -6.82 -7.58 -1.91
N SER D 93 -7.79 -6.80 -2.38
CA SER D 93 -7.77 -6.31 -3.75
C SER D 93 -8.14 -4.83 -3.78
N SER D 94 -7.61 -4.15 -4.78
CA SER D 94 -7.91 -2.75 -4.99
C SER D 94 -8.21 -2.54 -6.47
N LEU D 95 -8.98 -1.50 -6.75
CA LEU D 95 -9.37 -1.15 -8.11
C LEU D 95 -8.26 -0.39 -8.80
N ASN D 96 -7.62 0.49 -8.03
CA ASN D 96 -6.63 1.41 -8.55
C ASN D 96 -5.38 1.41 -7.66
N ASN D 97 -4.23 1.12 -8.26
CA ASN D 97 -2.96 1.15 -7.54
C ASN D 97 -2.68 2.51 -6.88
N ALA D 98 -3.27 3.55 -7.42
CA ALA D 98 -3.12 4.89 -6.86
C ALA D 98 -4.09 5.11 -5.72
N ASN D 99 -4.94 4.12 -5.47
CA ASN D 99 -5.93 4.19 -4.39
C ASN D 99 -5.66 3.14 -3.30
N SER D 100 -5.66 3.58 -2.05
CA SER D 100 -5.31 2.73 -0.90
C SER D 100 -6.48 2.06 -0.19
N ASP D 101 -7.66 2.21 -0.75
CA ASP D 101 -8.91 1.73 -0.19
C ASP D 101 -8.98 0.22 -0.37
N TYR D 102 -8.43 -0.49 0.61
CA TYR D 102 -8.27 -1.94 0.51
C TYR D 102 -9.46 -2.71 1.07
N THR D 103 -9.80 -3.81 0.41
CA THR D 103 -10.80 -4.74 0.91
C THR D 103 -10.21 -6.12 1.07
N PHE D 104 -10.10 -6.58 2.32
CA PHE D 104 -9.49 -7.86 2.64
C PHE D 104 -10.51 -9.00 2.57
N GLY D 105 -10.02 -10.20 2.24
CA GLY D 105 -10.86 -11.38 2.21
C GLY D 105 -10.89 -12.06 3.56
N SER D 106 -11.45 -13.26 3.62
CA SER D 106 -11.54 -14.00 4.88
C SER D 106 -10.15 -14.37 5.39
N GLY D 107 -9.31 -14.84 4.48
CA GLY D 107 -7.95 -15.22 4.83
C GLY D 107 -7.79 -16.72 5.05
N THR D 108 -6.55 -17.15 5.24
CA THR D 108 -6.23 -18.55 5.43
C THR D 108 -5.41 -18.73 6.70
N ARG D 109 -5.98 -19.42 7.69
CA ARG D 109 -5.28 -19.67 8.94
C ARG D 109 -4.35 -20.87 8.80
N LEU D 110 -3.08 -20.60 8.52
CA LEU D 110 -2.11 -21.66 8.32
C LEU D 110 -1.44 -22.04 9.63
N LEU D 111 -1.36 -23.34 9.88
CA LEU D 111 -0.66 -23.86 11.04
C LEU D 111 0.37 -24.90 10.59
N VAL D 112 1.57 -24.83 11.18
CA VAL D 112 2.63 -25.78 10.83
C VAL D 112 3.10 -26.57 12.04
N ILE D 113 2.95 -27.88 11.97
CA ILE D 113 3.35 -28.78 13.05
C ILE D 113 4.49 -29.67 12.60
N GLU D 114 5.11 -30.39 13.54
CA GLU D 114 6.16 -31.34 13.21
C GLU D 114 5.66 -32.45 12.28
N ASP D 115 4.58 -33.11 12.69
CA ASP D 115 3.97 -34.16 11.86
C ASP D 115 2.45 -34.11 11.87
N LEU D 116 1.85 -34.59 10.79
CA LEU D 116 0.39 -34.63 10.68
C LEU D 116 -0.16 -35.85 11.40
N LYS D 117 0.59 -36.34 12.38
CA LYS D 117 0.19 -37.54 13.11
C LYS D 117 -0.95 -37.27 14.09
N ASN D 118 -1.02 -36.05 14.62
CA ASN D 118 -1.99 -35.72 15.65
C ASN D 118 -3.27 -35.08 15.13
N VAL D 119 -3.49 -35.19 13.82
CA VAL D 119 -4.68 -34.63 13.20
C VAL D 119 -5.89 -35.52 13.45
N PHE D 120 -6.76 -35.10 14.35
CA PHE D 120 -7.97 -35.85 14.65
C PHE D 120 -9.22 -35.00 14.43
N PRO D 121 -10.20 -35.56 13.71
CA PRO D 121 -11.48 -34.87 13.54
C PRO D 121 -12.19 -34.70 14.88
N PRO D 122 -13.25 -33.88 14.91
CA PRO D 122 -14.03 -33.69 16.14
C PRO D 122 -15.14 -34.72 16.27
N GLU D 123 -15.48 -35.05 17.51
CA GLU D 123 -16.66 -35.88 17.76
C GLU D 123 -17.79 -34.98 18.24
N VAL D 124 -18.88 -34.94 17.48
CA VAL D 124 -19.97 -34.00 17.76
C VAL D 124 -21.20 -34.67 18.36
N ALA D 125 -21.68 -34.11 19.47
CA ALA D 125 -22.86 -34.64 20.14
C ALA D 125 -23.80 -33.50 20.54
N VAL D 126 -25.08 -33.69 20.25
CA VAL D 126 -26.11 -32.72 20.64
C VAL D 126 -26.80 -33.14 21.92
N PHE D 127 -27.11 -32.16 22.76
CA PHE D 127 -27.70 -32.44 24.06
C PHE D 127 -29.08 -31.79 24.19
N GLU D 128 -30.09 -32.61 24.45
CA GLU D 128 -31.47 -32.16 24.51
C GLU D 128 -31.76 -31.28 25.73
N PRO D 129 -32.65 -30.30 25.57
CA PRO D 129 -33.07 -29.34 26.61
C PRO D 129 -33.61 -30.05 27.85
N SER D 130 -33.39 -29.47 29.02
CA SER D 130 -33.82 -30.09 30.28
C SER D 130 -35.30 -29.82 30.58
N GLU D 131 -36.02 -30.86 31.02
CA GLU D 131 -37.41 -30.69 31.43
C GLU D 131 -37.50 -29.52 32.39
N ALA D 132 -36.49 -29.39 33.24
CA ALA D 132 -36.44 -28.33 34.24
C ALA D 132 -36.55 -26.96 33.59
N GLU D 133 -35.69 -26.71 32.60
CA GLU D 133 -35.64 -25.41 31.94
C GLU D 133 -36.94 -25.11 31.21
N ILE D 134 -37.51 -26.14 30.60
CA ILE D 134 -38.72 -25.98 29.81
C ILE D 134 -39.89 -25.56 30.67
N SER D 135 -40.01 -26.15 31.85
CA SER D 135 -41.08 -25.77 32.76
C SER D 135 -40.82 -24.40 33.39
N HIS D 136 -39.57 -24.13 33.73
CA HIS D 136 -39.21 -22.92 34.46
C HIS D 136 -39.08 -21.66 33.62
N THR D 137 -38.83 -21.82 32.32
CA THR D 137 -38.61 -20.66 31.45
C THR D 137 -39.41 -20.75 30.16
N GLN D 138 -39.97 -21.91 29.88
CA GLN D 138 -40.75 -22.10 28.66
C GLN D 138 -39.91 -21.82 27.42
N LYS D 139 -38.60 -22.04 27.54
CA LYS D 139 -37.69 -21.95 26.40
C LYS D 139 -36.77 -23.17 26.39
N ALA D 140 -36.46 -23.66 25.20
CA ALA D 140 -35.64 -24.86 25.06
C ALA D 140 -34.26 -24.54 24.51
N THR D 141 -33.22 -24.90 25.26
CA THR D 141 -31.85 -24.67 24.83
C THR D 141 -31.16 -25.97 24.44
N LEU D 142 -30.65 -26.02 23.21
CA LEU D 142 -29.82 -27.14 22.78
C LEU D 142 -28.36 -26.76 22.87
N VAL D 143 -27.52 -27.74 23.20
CA VAL D 143 -26.09 -27.51 23.23
C VAL D 143 -25.32 -28.52 22.39
N CYS D 144 -24.47 -28.01 21.51
CA CYS D 144 -23.62 -28.86 20.69
C CYS D 144 -22.22 -28.92 21.27
N LEU D 145 -21.56 -30.07 21.13
CA LEU D 145 -20.23 -30.25 21.67
C LEU D 145 -19.31 -30.97 20.70
N ALA D 146 -18.34 -30.24 20.16
CA ALA D 146 -17.31 -30.85 19.34
C ALA D 146 -16.12 -31.11 20.25
N THR D 147 -15.61 -32.34 20.23
CA THR D 147 -14.55 -32.73 21.14
C THR D 147 -13.50 -33.61 20.49
N GLY D 148 -12.28 -33.54 21.01
CA GLY D 148 -11.20 -34.40 20.56
C GLY D 148 -10.73 -34.12 19.14
N PHE D 149 -10.80 -32.86 18.74
CA PHE D 149 -10.34 -32.49 17.41
C PHE D 149 -9.04 -31.69 17.48
N TYR D 150 -8.22 -31.83 16.44
CA TYR D 150 -6.96 -31.12 16.38
C TYR D 150 -6.46 -31.04 14.94
N PRO D 151 -5.99 -29.86 14.52
CA PRO D 151 -5.94 -28.65 15.36
C PRO D 151 -7.30 -27.99 15.49
N ASP D 152 -7.34 -26.81 16.09
CA ASP D 152 -8.60 -26.11 16.31
C ASP D 152 -9.13 -25.42 15.06
N HIS D 153 -9.23 -26.18 13.97
CA HIS D 153 -9.78 -25.67 12.72
C HIS D 153 -11.18 -26.22 12.47
N VAL D 154 -12.19 -25.55 13.01
CA VAL D 154 -13.56 -26.01 12.91
C VAL D 154 -14.53 -24.88 12.60
N GLU D 155 -15.64 -25.23 11.95
CA GLU D 155 -16.72 -24.29 11.66
C GLU D 155 -18.05 -24.88 12.10
N LEU D 156 -18.65 -24.30 13.13
CA LEU D 156 -19.87 -24.85 13.72
C LEU D 156 -21.11 -24.06 13.31
N SER D 157 -22.10 -24.78 12.77
CA SER D 157 -23.37 -24.16 12.36
C SER D 157 -24.56 -24.98 12.83
N TRP D 158 -25.68 -24.30 13.08
CA TRP D 158 -26.93 -24.96 13.44
C TRP D 158 -27.88 -25.02 12.24
N TRP D 159 -28.51 -26.18 12.04
CA TRP D 159 -29.46 -26.33 10.94
C TRP D 159 -30.82 -26.84 11.41
N VAL D 160 -31.87 -26.08 11.09
CA VAL D 160 -33.21 -26.43 11.48
C VAL D 160 -34.16 -26.47 10.28
N ASN D 161 -34.84 -27.59 10.10
CA ASN D 161 -35.76 -27.72 8.99
C ASN D 161 -35.06 -27.33 7.69
N GLY D 162 -33.88 -27.92 7.49
CA GLY D 162 -33.11 -27.74 6.26
C GLY D 162 -32.60 -26.35 5.97
N LYS D 163 -32.44 -25.54 7.02
CA LYS D 163 -31.94 -24.20 6.84
C LYS D 163 -30.98 -23.85 7.97
N GLU D 164 -29.92 -23.10 7.66
CA GLU D 164 -29.01 -22.64 8.69
C GLU D 164 -29.67 -21.53 9.48
N VAL D 165 -29.36 -21.46 10.78
CA VAL D 165 -29.94 -20.45 11.65
C VAL D 165 -28.87 -19.72 12.47
N HIS D 166 -29.16 -18.48 12.82
CA HIS D 166 -28.24 -17.68 13.64
C HIS D 166 -28.93 -17.11 14.87
N SER D 167 -30.21 -16.78 14.71
CA SER D 167 -31.01 -16.28 15.81
C SER D 167 -31.05 -17.31 16.94
N GLY D 168 -30.86 -16.84 18.17
CA GLY D 168 -30.86 -17.73 19.32
C GLY D 168 -29.64 -18.63 19.34
N VAL D 169 -28.62 -18.23 18.60
CA VAL D 169 -27.39 -19.01 18.55
C VAL D 169 -26.23 -18.19 19.08
N CYS D 170 -25.27 -18.88 19.68
CA CYS D 170 -24.01 -18.27 20.04
C CYS D 170 -22.98 -19.36 20.28
N THR D 171 -21.79 -19.17 19.73
CA THR D 171 -20.73 -20.16 19.81
C THR D 171 -19.57 -19.64 20.64
N ASP D 172 -18.98 -20.53 21.44
CA ASP D 172 -17.81 -20.19 22.23
C ASP D 172 -16.79 -19.42 21.39
N PRO D 173 -16.29 -18.31 21.93
CA PRO D 173 -15.31 -17.44 21.26
C PRO D 173 -14.16 -18.25 20.68
N GLN D 174 -13.55 -19.10 21.50
CA GLN D 174 -12.41 -19.91 21.07
C GLN D 174 -12.50 -21.31 21.64
N PRO D 175 -12.05 -22.31 20.87
CA PRO D 175 -11.99 -23.69 21.35
C PRO D 175 -11.01 -23.84 22.50
N LEU D 176 -11.42 -24.49 23.59
CA LEU D 176 -10.54 -24.73 24.71
C LEU D 176 -9.78 -26.05 24.56
N LYS D 177 -8.76 -26.24 25.40
CA LYS D 177 -7.96 -27.46 25.35
C LYS D 177 -8.46 -28.50 26.35
N GLU D 178 -8.60 -29.74 25.88
CA GLU D 178 -9.00 -30.84 26.75
C GLU D 178 -7.90 -31.11 27.76
N GLN D 179 -6.69 -30.65 27.45
CA GLN D 179 -5.52 -30.89 28.29
C GLN D 179 -4.42 -29.87 27.99
N PRO D 180 -4.47 -28.72 28.67
CA PRO D 180 -3.53 -27.59 28.52
C PRO D 180 -2.06 -28.00 28.54
N ALA D 181 -1.76 -29.14 29.17
CA ALA D 181 -0.39 -29.64 29.20
C ALA D 181 0.03 -30.14 27.82
N ASP D 184 1.21 -29.49 23.14
CA ASP D 184 -0.01 -29.50 22.34
C ASP D 184 -1.12 -30.24 23.06
N SER D 185 -2.35 -29.98 22.63
CA SER D 185 -3.58 -30.60 23.03
C SER D 185 -4.67 -30.88 22.05
N ARG D 186 -5.63 -31.74 22.39
CA ARG D 186 -6.76 -32.00 21.50
C ARG D 186 -7.83 -31.05 22.05
N TYR D 187 -8.65 -30.50 21.16
CA TYR D 187 -9.56 -29.40 21.53
C TYR D 187 -11.00 -29.82 21.73
N ALA D 188 -11.81 -28.85 22.15
CA ALA D 188 -13.24 -29.04 22.35
C ALA D 188 -13.95 -27.70 22.17
N LEU D 189 -15.14 -27.74 21.59
CA LEU D 189 -15.91 -26.52 21.34
C LEU D 189 -17.41 -26.77 21.52
N SER D 190 -18.12 -25.78 22.04
CA SER D 190 -19.56 -25.91 22.25
C SER D 190 -20.35 -24.69 21.78
N SER D 191 -21.61 -24.92 21.44
CA SER D 191 -22.49 -23.85 20.96
C SER D 191 -23.91 -24.01 21.48
N ARG D 192 -24.60 -22.89 21.66
CA ARG D 192 -25.98 -22.91 22.15
C ARG D 192 -26.97 -22.41 21.12
N LEU D 193 -28.05 -23.17 20.96
CA LEU D 193 -29.20 -22.72 20.18
C LEU D 193 -30.42 -22.74 21.08
N ARG D 194 -31.17 -21.64 21.10
CA ARG D 194 -32.30 -21.53 21.99
C ARG D 194 -33.59 -21.21 21.23
N VAL D 195 -34.61 -22.03 21.46
CA VAL D 195 -35.90 -21.82 20.81
C VAL D 195 -37.03 -21.90 21.84
N SER D 196 -38.23 -21.50 21.44
CA SER D 196 -39.38 -21.58 22.33
C SER D 196 -39.72 -23.04 22.62
N ALA D 197 -40.09 -23.34 23.85
CA ALA D 197 -40.43 -24.71 24.23
C ALA D 197 -41.35 -25.32 23.18
N THR D 198 -42.33 -24.55 22.75
CA THR D 198 -43.29 -25.01 21.77
C THR D 198 -42.57 -25.55 20.55
N PHE D 199 -41.78 -24.70 19.90
CA PHE D 199 -41.00 -25.08 18.74
C PHE D 199 -40.26 -26.39 18.96
N TRP D 200 -39.61 -26.52 20.11
CA TRP D 200 -38.88 -27.74 20.43
C TRP D 200 -39.83 -28.92 20.51
N GLN D 201 -40.95 -28.73 21.19
CA GLN D 201 -41.90 -29.82 21.39
C GLN D 201 -42.56 -30.28 20.09
N ASN D 202 -42.42 -29.47 19.04
CA ASN D 202 -42.92 -29.85 17.71
C ASN D 202 -42.03 -30.90 17.06
N PRO D 203 -42.58 -32.11 16.84
CA PRO D 203 -41.85 -33.22 16.22
C PRO D 203 -41.58 -32.97 14.74
N ARG D 204 -42.34 -32.07 14.15
CA ARG D 204 -42.13 -31.68 12.76
C ARG D 204 -40.83 -30.89 12.61
N ASN D 205 -40.22 -30.55 13.73
CA ASN D 205 -38.98 -29.80 13.75
C ASN D 205 -37.74 -30.66 13.95
N HIS D 206 -36.72 -30.41 13.13
CA HIS D 206 -35.51 -31.19 13.17
C HIS D 206 -34.27 -30.34 13.46
N PHE D 207 -33.50 -30.75 14.46
CA PHE D 207 -32.31 -30.00 14.86
C PHE D 207 -31.03 -30.77 14.56
N ARG D 208 -30.05 -30.08 13.99
CA ARG D 208 -28.78 -30.70 13.63
C ARG D 208 -27.61 -29.73 13.76
N CYS D 209 -26.62 -30.10 14.57
CA CYS D 209 -25.40 -29.30 14.72
C CYS D 209 -24.31 -29.81 13.77
N GLN D 210 -23.95 -28.97 12.80
CA GLN D 210 -23.03 -29.38 11.76
C GLN D 210 -21.68 -28.70 11.96
N VAL D 211 -20.62 -29.50 12.03
CA VAL D 211 -19.28 -28.99 12.27
C VAL D 211 -18.31 -29.31 11.14
N GLN D 212 -17.90 -28.29 10.41
CA GLN D 212 -16.92 -28.47 9.35
C GLN D 212 -15.52 -28.54 9.95
N PHE D 213 -14.76 -29.56 9.55
CA PHE D 213 -13.41 -29.74 10.02
C PHE D 213 -12.44 -29.64 8.86
N TYR D 214 -11.34 -28.90 9.07
CA TYR D 214 -10.32 -28.75 8.03
C TYR D 214 -9.09 -29.61 8.35
N GLY D 215 -8.90 -30.67 7.58
CA GLY D 215 -7.80 -31.59 7.81
C GLY D 215 -6.88 -31.78 6.62
N LEU D 216 -6.64 -33.02 6.25
CA LEU D 216 -5.78 -33.35 5.12
C LEU D 216 -6.60 -33.47 3.83
N SER D 217 -5.95 -33.86 2.74
CA SER D 217 -6.62 -33.92 1.44
C SER D 217 -6.69 -35.34 0.87
N ASP D 220 -3.54 -35.34 -0.56
CA ASP D 220 -2.57 -35.53 0.51
C ASP D 220 -2.16 -37.00 0.63
N GLU D 221 -1.28 -37.29 1.59
CA GLU D 221 -0.78 -38.65 1.76
C GLU D 221 -0.88 -39.11 3.22
N TRP D 222 -1.50 -40.26 3.42
CA TRP D 222 -1.75 -40.77 4.77
C TRP D 222 -1.17 -42.17 4.95
N THR D 223 -0.35 -42.32 5.97
CA THR D 223 0.29 -43.61 6.26
C THR D 223 0.10 -43.99 7.72
N GLN D 224 -1.09 -44.49 8.03
CA GLN D 224 -1.44 -44.92 9.38
C GLN D 224 -2.69 -45.78 9.34
N ASP D 225 -2.83 -46.65 10.32
CA ASP D 225 -3.92 -47.63 10.35
C ASP D 225 -5.29 -47.00 10.23
N ARG D 226 -5.59 -46.03 11.08
CA ARG D 226 -6.90 -45.38 11.05
C ARG D 226 -7.18 -44.64 9.73
N ALA D 227 -8.44 -44.29 9.52
CA ALA D 227 -8.86 -43.61 8.30
C ALA D 227 -8.18 -42.26 8.22
N LYS D 228 -7.98 -41.78 6.99
CA LYS D 228 -7.38 -40.48 6.75
C LYS D 228 -8.27 -39.35 7.26
N PRO D 229 -7.76 -38.59 8.25
CA PRO D 229 -8.47 -37.46 8.87
C PRO D 229 -8.58 -36.28 7.92
N VAL D 230 -9.27 -36.50 6.80
CA VAL D 230 -9.43 -35.48 5.79
C VAL D 230 -10.41 -34.41 6.23
N THR D 231 -10.39 -33.28 5.52
CA THR D 231 -11.38 -32.24 5.69
C THR D 231 -12.77 -32.84 5.48
N GLN D 232 -13.57 -32.82 6.54
CA GLN D 232 -14.88 -33.45 6.52
C GLN D 232 -15.87 -32.69 7.39
N ILE D 233 -17.12 -33.11 7.34
CA ILE D 233 -18.16 -32.54 8.18
C ILE D 233 -18.67 -33.58 9.17
N VAL D 234 -18.59 -33.27 10.46
CA VAL D 234 -19.13 -34.15 11.50
C VAL D 234 -20.38 -33.51 12.11
N SER D 235 -21.48 -34.24 12.12
CA SER D 235 -22.77 -33.67 12.48
C SER D 235 -23.52 -34.53 13.50
N ALA D 236 -24.38 -33.89 14.30
CA ALA D 236 -25.24 -34.62 15.23
C ALA D 236 -26.67 -34.10 15.14
N GLU D 237 -27.63 -34.97 15.44
CA GLU D 237 -29.04 -34.60 15.28
C GLU D 237 -29.81 -34.63 16.60
N ALA D 238 -31.04 -34.13 16.56
CA ALA D 238 -31.93 -34.15 17.71
C ALA D 238 -33.35 -33.84 17.24
N TRP D 239 -34.33 -34.51 17.82
CA TRP D 239 -35.70 -34.42 17.35
C TRP D 239 -36.63 -33.76 18.36
N GLY D 240 -37.59 -33.01 17.84
CA GLY D 240 -38.60 -32.38 18.68
C GLY D 240 -39.50 -33.41 19.36
N ARG D 241 -39.34 -33.55 20.67
CA ARG D 241 -40.20 -34.43 21.46
C ARG D 241 -41.33 -33.62 22.08
N ALA D 242 -42.44 -34.28 22.40
CA ALA D 242 -43.57 -33.59 23.01
C ALA D 242 -43.77 -33.99 24.46
N ALA E 1 17.69 12.44 7.16
CA ALA E 1 17.35 11.61 6.01
C ALA E 1 15.89 11.18 6.03
N ASP E 2 15.00 12.17 6.01
CA ASP E 2 13.56 11.93 5.95
C ASP E 2 13.18 11.26 4.63
N LEU E 3 12.04 10.60 4.61
CA LEU E 3 11.58 9.91 3.41
C LEU E 3 10.73 10.81 2.52
N ILE E 4 11.01 10.76 1.21
CA ILE E 4 10.31 11.60 0.25
C ILE E 4 9.06 10.90 -0.26
N ALA E 5 7.98 11.68 -0.37
CA ALA E 5 6.70 11.19 -0.83
C ALA E 5 6.58 11.28 -2.35
N TYR E 6 5.73 10.44 -2.93
CA TYR E 6 5.58 10.38 -4.37
C TYR E 6 4.20 9.88 -4.69
N LEU E 7 3.73 10.22 -5.90
CA LEU E 7 2.45 9.74 -6.36
C LEU E 7 2.53 8.35 -6.95
N GLU E 8 1.68 7.47 -6.46
CA GLU E 8 1.61 6.14 -7.02
C GLU E 8 0.95 6.26 -8.39
N GLN E 9 1.48 5.56 -9.38
CA GLN E 9 0.92 5.63 -10.72
C GLN E 9 -0.44 4.98 -10.67
N ALA E 10 -1.44 5.67 -11.19
CA ALA E 10 -2.80 5.14 -11.24
C ALA E 10 -2.94 4.07 -12.32
N THR E 11 -3.96 3.23 -12.19
CA THR E 11 -4.19 2.16 -13.15
C THR E 11 -5.17 2.61 -14.22
N LYS E 12 -4.89 2.24 -15.46
CA LYS E 12 -5.78 2.57 -16.58
C LYS E 12 -6.56 1.35 -17.05
N GLY E 13 -7.61 1.60 -17.83
CA GLY E 13 -8.41 0.54 -18.41
C GLY E 13 -9.51 0.04 -17.48
#